data_9KSG
#
_entry.id   9KSG
#
_cell.length_a   71.034
_cell.length_b   89.587
_cell.length_c   147.716
_cell.angle_alpha   90.00
_cell.angle_beta   90.00
_cell.angle_gamma   90.00
#
_symmetry.space_group_name_H-M   'P 21 21 21'
#
_entity_poly.entity_id   1
_entity_poly.type   'polypeptide(L)'
_entity_poly.pdbx_seq_one_letter_code
;(MSE)HLQIALFLVVVSLLVNVEAVPAKAQSDYVVSFRHIGRLLRDEREERGVSANAVETITDAVESKINTAQLKSWLES
GESADDVFKLLKLDSAADKVLGHAKLDEWIEY(MSE)KLFNGQKGSKKTTLIKTLTAHFEDDGVAR(MSE)IQKALQVDS
TAK(MSE)AKRLQFEQIQRWLGQEKTPEEVLTLLKLDINRYDLFEKPELLTWVKYLDDWNK(MSE)YPDRQTTLFARISP
LLEEGILAN(MSE)LIKAKSVASTEKIALRIQAEQTASWLKAEKTPDDLFTLLRLNRAEDSPLLENPIFDAWVKYADDFR
E(MSE)YPKVSFDPIATISEHYTAAQVAT(MSE)IVEASKSPSTSSIAHRLNTEQFRDWLNTRQSPVRVFKLLKLDEAGD
KLFQSPVITTWLNYATFYSTKREKVSITTLLRKRFGDEVLAGILTDAQQVPATKEEATKLLTSLVGRWPKSRVHPDNVYK
WLRVEGREKTDGFRLFYERYAAAYKAARNG
;
_entity_poly.pdbx_strand_id   A,B
#
# COMPACT_ATOMS: atom_id res chain seq x y z
N ILE A 65 -10.08 69.31 16.72
CA ILE A 65 -8.72 69.72 16.40
C ILE A 65 -8.68 71.14 15.76
N ASN A 66 -9.74 71.55 15.08
CA ASN A 66 -9.83 72.96 14.63
C ASN A 66 -11.10 73.62 15.18
N THR A 67 -10.95 74.32 16.28
CA THR A 67 -12.08 74.89 16.99
C THR A 67 -12.83 75.99 16.22
N ALA A 68 -12.09 76.85 15.50
CA ALA A 68 -12.70 77.91 14.69
C ALA A 68 -13.65 77.31 13.66
N GLN A 69 -13.15 76.33 12.95
CA GLN A 69 -13.95 75.59 11.99
C GLN A 69 -15.24 75.03 12.64
N LEU A 70 -15.09 74.33 13.77
CA LEU A 70 -16.23 73.72 14.45
C LEU A 70 -17.24 74.76 14.92
N LYS A 71 -16.71 75.84 15.50
CA LYS A 71 -17.50 76.99 15.93
C LYS A 71 -18.32 77.48 14.76
N SER A 72 -17.63 77.71 13.65
CA SER A 72 -18.23 78.16 12.41
C SER A 72 -19.36 77.28 11.88
N TRP A 73 -19.10 75.98 11.82
CA TRP A 73 -20.12 75.01 11.40
C TRP A 73 -21.32 75.11 12.32
N LEU A 74 -21.08 75.17 13.63
CA LEU A 74 -22.18 75.25 14.60
C LEU A 74 -22.99 76.53 14.41
N GLU A 75 -22.31 77.62 14.07
CA GLU A 75 -22.96 78.92 13.75
C GLU A 75 -23.73 78.87 12.42
N SER A 76 -23.12 78.27 11.39
CA SER A 76 -23.79 77.97 10.12
C SER A 76 -25.05 77.10 10.26
N GLY A 77 -25.28 76.52 11.44
CA GLY A 77 -26.42 75.64 11.68
C GLY A 77 -26.34 74.22 11.11
N GLU A 78 -25.13 73.78 10.74
CA GLU A 78 -24.94 72.49 10.05
C GLU A 78 -25.31 71.25 10.86
N SER A 79 -25.87 70.26 10.20
CA SER A 79 -26.10 68.98 10.84
C SER A 79 -24.78 68.22 10.88
N ALA A 80 -24.79 67.09 11.59
CA ALA A 80 -23.64 66.22 11.60
C ALA A 80 -23.47 65.67 10.21
N ASP A 81 -24.57 65.44 9.53
CA ASP A 81 -24.47 64.87 8.18
C ASP A 81 -23.88 65.83 7.16
N ASP A 82 -24.34 67.08 7.21
CA ASP A 82 -23.77 68.14 6.39
C ASP A 82 -22.26 68.22 6.55
N VAL A 83 -21.78 68.13 7.78
CA VAL A 83 -20.36 68.27 8.02
C VAL A 83 -19.61 67.05 7.54
N PHE A 84 -20.27 65.89 7.56
CA PHE A 84 -19.69 64.68 6.97
C PHE A 84 -19.43 64.94 5.49
N LYS A 85 -20.41 65.55 4.82
CA LYS A 85 -20.28 65.90 3.40
C LYS A 85 -19.18 66.97 3.14
N LEU A 86 -19.24 68.09 3.86
CA LEU A 86 -18.25 69.17 3.77
C LEU A 86 -16.78 68.70 3.86
N LEU A 87 -16.54 67.68 4.69
CA LEU A 87 -15.17 67.17 4.85
C LEU A 87 -14.86 66.14 3.75
N LYS A 88 -15.86 65.87 2.90
CA LYS A 88 -15.73 64.93 1.79
C LYS A 88 -15.35 63.56 2.31
N LEU A 89 -16.02 63.14 3.38
CA LEU A 89 -15.76 61.86 3.99
C LEU A 89 -16.61 60.81 3.31
N ASP A 90 -17.56 61.25 2.47
CA ASP A 90 -18.32 60.29 1.66
C ASP A 90 -17.66 60.01 0.31
N SER A 91 -16.52 60.67 0.06
CA SER A 91 -15.75 60.54 -1.18
C SER A 91 -15.36 59.10 -1.53
N ALA A 92 -14.67 58.45 -0.61
CA ALA A 92 -14.30 57.05 -0.76
C ALA A 92 -14.38 56.34 0.58
N ALA A 93 -15.09 55.21 0.60
CA ALA A 93 -15.28 54.45 1.81
C ALA A 93 -13.93 54.04 2.44
N ASP A 94 -12.96 53.69 1.61
CA ASP A 94 -11.71 53.16 2.15
C ASP A 94 -10.78 54.25 2.73
N LYS A 95 -11.02 55.52 2.41
CA LYS A 95 -10.25 56.63 3.01
C LYS A 95 -10.71 56.96 4.44
N VAL A 96 -11.97 56.69 4.73
CA VAL A 96 -12.63 57.20 5.95
C VAL A 96 -12.03 56.82 7.31
N LEU A 97 -12.00 55.53 7.65
CA LEU A 97 -11.56 55.13 9.00
C LEU A 97 -10.11 55.52 9.29
N GLY A 98 -9.28 55.60 8.25
CA GLY A 98 -7.93 56.11 8.41
C GLY A 98 -7.87 57.62 8.51
N HIS A 99 -8.60 58.30 7.62
CA HIS A 99 -8.66 59.77 7.41
C HIS A 99 -8.34 60.63 8.64
N ALA A 100 -7.65 61.74 8.37
CA ALA A 100 -7.32 62.74 9.38
C ALA A 100 -8.58 63.41 9.92
N LYS A 101 -9.42 63.82 8.97
CA LYS A 101 -10.57 64.63 9.23
C LYS A 101 -11.76 63.85 9.85
N LEU A 102 -11.59 62.56 10.11
CA LEU A 102 -12.70 61.81 10.68
C LEU A 102 -12.82 62.14 12.16
N ASP A 103 -11.67 62.31 12.81
CA ASP A 103 -11.65 62.65 14.22
C ASP A 103 -12.24 64.04 14.40
N GLU A 104 -11.91 64.92 13.45
CA GLU A 104 -12.59 66.20 13.31
C GLU A 104 -14.10 66.00 13.28
N TRP A 105 -14.58 65.16 12.36
CA TRP A 105 -16.02 64.91 12.23
C TRP A 105 -16.61 64.39 13.53
N ILE A 106 -15.91 63.50 14.19
CA ILE A 106 -16.37 62.93 15.46
C ILE A 106 -16.54 64.00 16.55
N GLU A 107 -15.60 64.95 16.63
CA GLU A 107 -15.75 66.01 17.61
C GLU A 107 -17.00 66.80 17.29
N TYR A 108 -17.19 67.11 16.02
CA TYR A 108 -18.37 67.86 15.61
C TYR A 108 -19.63 67.08 15.92
N MSE A 109 -19.59 65.78 15.77
CA MSE A 109 -20.77 64.98 16.03
C MSE A 109 -21.20 65.09 17.50
O MSE A 109 -22.39 65.26 17.80
CB MSE A 109 -20.50 63.54 15.66
CG MSE A 109 -21.74 62.69 15.69
SE MSE A 109 -21.37 60.88 16.25
CE MSE A 109 -20.44 61.27 17.90
N LYS A 110 -20.23 65.02 18.41
CA LYS A 110 -20.49 65.25 19.84
C LYS A 110 -21.11 66.63 20.06
N LEU A 111 -20.53 67.66 19.43
CA LEU A 111 -21.00 69.02 19.63
C LEU A 111 -22.40 69.21 19.08
N PHE A 112 -22.62 68.72 17.88
CA PHE A 112 -23.94 68.72 17.27
C PHE A 112 -24.98 68.04 18.20
N ASN A 113 -24.71 66.79 18.61
CA ASN A 113 -25.59 66.04 19.51
C ASN A 113 -25.82 66.76 20.84
N GLY A 114 -24.80 67.47 21.31
CA GLY A 114 -24.92 68.20 22.56
C GLY A 114 -25.87 69.38 22.52
N GLN A 115 -26.11 69.94 21.33
CA GLN A 115 -27.10 71.02 21.16
C GLN A 115 -28.50 70.56 21.56
N LYS A 116 -29.24 71.41 22.28
CA LYS A 116 -30.55 71.00 22.80
C LYS A 116 -31.58 70.83 21.67
N GLY A 117 -32.21 69.65 21.65
CA GLY A 117 -33.27 69.36 20.70
C GLY A 117 -32.87 69.00 19.27
N SER A 118 -31.58 68.85 19.01
CA SER A 118 -31.11 68.42 17.69
C SER A 118 -31.44 66.95 17.48
N LYS A 119 -31.62 66.54 16.24
CA LYS A 119 -31.93 65.16 15.96
C LYS A 119 -30.62 64.38 16.05
N LYS A 120 -30.51 63.53 17.07
CA LYS A 120 -29.25 62.87 17.38
C LYS A 120 -28.78 61.98 16.23
N THR A 121 -27.50 61.61 16.25
CA THR A 121 -26.94 60.63 15.31
C THR A 121 -25.71 59.97 15.91
N THR A 122 -25.10 59.09 15.13
CA THR A 122 -24.07 58.19 15.60
C THR A 122 -23.06 58.00 14.46
N LEU A 123 -21.84 57.55 14.76
CA LEU A 123 -20.89 57.26 13.69
C LEU A 123 -21.40 56.10 12.84
N ILE A 124 -21.87 55.01 13.46
CA ILE A 124 -22.33 53.86 12.66
C ILE A 124 -23.51 54.28 11.78
N LYS A 125 -24.36 55.14 12.30
CA LYS A 125 -25.55 55.51 11.58
C LYS A 125 -25.24 56.46 10.44
N THR A 126 -24.18 57.24 10.58
CA THR A 126 -23.81 58.16 9.52
C THR A 126 -23.06 57.41 8.43
N LEU A 127 -22.19 56.49 8.82
CA LEU A 127 -21.48 55.68 7.82
C LEU A 127 -22.46 54.85 7.01
N THR A 128 -23.50 54.34 7.67
CA THR A 128 -24.44 53.47 7.00
C THR A 128 -25.27 54.22 5.98
N ALA A 129 -25.70 55.43 6.34
CA ALA A 129 -26.50 56.26 5.43
C ALA A 129 -25.76 56.56 4.16
N HIS A 130 -24.44 56.46 4.20
CA HIS A 130 -23.56 56.94 3.14
C HIS A 130 -22.84 55.83 2.41
N PHE A 131 -22.74 54.67 3.02
CA PHE A 131 -22.07 53.57 2.35
C PHE A 131 -22.83 52.26 2.40
N GLU A 132 -24.02 52.28 2.98
CA GLU A 132 -24.85 51.09 3.13
C GLU A 132 -24.23 50.06 4.10
N ASP A 133 -25.07 49.21 4.68
CA ASP A 133 -24.63 48.10 5.51
C ASP A 133 -23.47 47.25 4.96
N ASP A 134 -23.48 46.93 3.67
CA ASP A 134 -22.34 46.17 3.12
C ASP A 134 -21.08 47.01 2.94
N GLY A 135 -21.22 48.30 2.65
CA GLY A 135 -20.05 49.16 2.49
C GLY A 135 -19.36 49.43 3.81
N VAL A 136 -20.17 49.52 4.87
CA VAL A 136 -19.66 49.77 6.21
C VAL A 136 -19.03 48.50 6.71
N ALA A 137 -19.65 47.37 6.39
CA ALA A 137 -19.07 46.09 6.76
C ALA A 137 -17.74 45.88 6.06
N ARG A 138 -17.63 46.33 4.83
CA ARG A 138 -16.36 46.16 4.14
C ARG A 138 -15.30 47.12 4.67
N MSE A 139 -15.73 48.32 5.05
CA MSE A 139 -14.83 49.25 5.73
C MSE A 139 -14.23 48.69 7.01
O MSE A 139 -13.03 48.76 7.24
CB MSE A 139 -15.56 50.53 6.09
CG MSE A 139 -15.82 51.48 4.94
SE MSE A 139 -16.95 52.91 5.60
CE MSE A 139 -16.52 52.78 7.47
N ILE A 140 -15.10 48.15 7.84
CA ILE A 140 -14.69 47.70 9.15
C ILE A 140 -13.69 46.56 9.03
N GLN A 141 -13.83 45.76 7.99
CA GLN A 141 -13.10 44.50 7.83
C GLN A 141 -11.73 44.73 7.21
N LYS A 142 -11.62 45.72 6.33
CA LYS A 142 -10.30 46.13 5.86
C LYS A 142 -9.53 46.83 7.01
N ALA A 143 -10.20 47.75 7.71
CA ALA A 143 -9.58 48.51 8.80
C ALA A 143 -9.19 47.63 10.01
N LEU A 144 -9.86 46.49 10.17
CA LEU A 144 -9.52 45.50 11.20
C LEU A 144 -8.13 44.92 11.03
N GLN A 145 -7.55 45.11 9.83
CA GLN A 145 -6.27 44.51 9.50
C GLN A 145 -5.11 45.49 9.59
N VAL A 146 -5.39 46.79 9.54
CA VAL A 146 -4.35 47.77 9.82
C VAL A 146 -4.22 48.07 11.32
N ASP A 147 -2.98 48.07 11.83
CA ASP A 147 -2.67 48.34 13.24
C ASP A 147 -3.24 49.70 13.66
N SER A 148 -3.02 50.66 12.77
CA SER A 148 -3.38 52.05 12.97
C SER A 148 -4.87 52.30 13.25
N THR A 149 -5.73 51.42 12.75
CA THR A 149 -7.17 51.65 12.77
C THR A 149 -7.95 50.55 13.50
N ALA A 150 -7.22 49.58 14.04
CA ALA A 150 -7.83 48.32 14.43
C ALA A 150 -8.79 48.45 15.61
N LYS A 151 -8.44 49.27 16.59
CA LYS A 151 -9.25 49.38 17.78
C LYS A 151 -10.56 50.14 17.53
N MSE A 152 -10.57 51.04 16.54
CA MSE A 152 -11.83 51.68 16.21
C MSE A 152 -12.68 50.74 15.39
O MSE A 152 -13.90 50.68 15.58
CB MSE A 152 -11.63 52.98 15.44
CG MSE A 152 -12.94 53.76 15.26
SE MSE A 152 -12.69 55.09 13.92
CE MSE A 152 -12.80 56.61 15.10
N ALA A 153 -12.03 50.04 14.47
CA ALA A 153 -12.69 49.01 13.69
C ALA A 153 -13.45 48.05 14.62
N LYS A 154 -12.75 47.50 15.63
CA LYS A 154 -13.37 46.58 16.61
C LYS A 154 -14.61 47.20 17.21
N ARG A 155 -14.51 48.46 17.62
CA ARG A 155 -15.61 49.08 18.35
C ARG A 155 -16.78 49.40 17.40
N LEU A 156 -16.46 49.84 16.18
CA LEU A 156 -17.50 50.05 15.17
C LEU A 156 -18.22 48.76 14.82
N GLN A 157 -17.48 47.65 14.85
CA GLN A 157 -18.01 46.39 14.42
C GLN A 157 -19.14 46.11 15.41
N PHE A 158 -18.80 46.31 16.68
CA PHE A 158 -19.69 46.03 17.80
C PHE A 158 -20.99 46.83 17.73
N GLU A 159 -20.89 48.13 17.46
CA GLU A 159 -22.09 48.95 17.40
C GLU A 159 -22.95 48.55 16.21
N GLN A 160 -22.31 48.16 15.10
CA GLN A 160 -23.05 47.62 13.96
C GLN A 160 -23.87 46.40 14.38
N ILE A 161 -23.17 45.39 14.89
CA ILE A 161 -23.82 44.18 15.37
C ILE A 161 -24.90 44.45 16.44
N GLN A 162 -24.58 45.33 17.40
CA GLN A 162 -25.51 45.72 18.46
C GLN A 162 -26.80 46.28 17.82
N ARG A 163 -26.62 47.23 16.88
CA ARG A 163 -27.72 47.87 16.16
C ARG A 163 -28.59 46.83 15.42
N TRP A 164 -27.97 45.93 14.65
CA TRP A 164 -28.73 44.82 14.06
C TRP A 164 -29.46 43.99 15.11
N LEU A 165 -28.73 43.55 16.13
CA LEU A 165 -29.34 42.72 17.18
C LEU A 165 -30.51 43.44 17.83
N GLY A 166 -30.35 44.76 17.98
CA GLY A 166 -31.39 45.61 18.53
C GLY A 166 -32.66 45.50 17.71
N GLN A 167 -32.55 45.77 16.40
CA GLN A 167 -33.69 45.69 15.49
C GLN A 167 -34.16 44.25 15.32
N GLU A 168 -33.49 43.35 16.04
CA GLU A 168 -33.69 41.91 15.93
C GLU A 168 -33.73 41.42 14.48
N LYS A 169 -32.70 41.80 13.72
CA LYS A 169 -32.51 41.26 12.38
C LYS A 169 -31.83 39.89 12.41
N THR A 170 -32.57 38.87 12.00
CA THR A 170 -32.06 37.50 11.88
C THR A 170 -30.80 37.41 10.98
N PRO A 171 -29.89 36.47 11.27
CA PRO A 171 -28.71 36.26 10.42
C PRO A 171 -29.08 36.22 8.93
N GLU A 172 -30.23 35.62 8.65
CA GLU A 172 -30.74 35.57 7.30
C GLU A 172 -30.98 36.94 6.71
N GLU A 173 -31.65 37.83 7.46
CA GLU A 173 -31.89 39.20 6.98
C GLU A 173 -30.60 39.98 6.82
N VAL A 174 -29.61 39.72 7.65
CA VAL A 174 -28.32 40.41 7.52
C VAL A 174 -27.56 39.96 6.26
N LEU A 175 -27.70 38.69 5.92
CA LEU A 175 -27.22 38.14 4.65
C LEU A 175 -27.71 39.01 3.48
N THR A 176 -29.01 39.27 3.39
CA THR A 176 -29.55 40.13 2.31
C THR A 176 -29.10 41.58 2.43
N LEU A 177 -28.98 42.04 3.67
CA LEU A 177 -28.54 43.39 3.98
C LEU A 177 -27.12 43.64 3.50
N LEU A 178 -26.27 42.61 3.64
CA LEU A 178 -24.89 42.68 3.15
C LEU A 178 -24.75 42.26 1.69
N LYS A 179 -25.88 42.01 1.05
CA LYS A 179 -25.94 41.66 -0.37
C LYS A 179 -25.17 40.40 -0.67
N LEU A 180 -25.01 39.55 0.34
CA LEU A 180 -24.31 38.30 0.16
C LEU A 180 -25.09 37.34 -0.74
N ASP A 181 -26.40 37.56 -0.84
CA ASP A 181 -27.24 36.66 -1.62
C ASP A 181 -27.07 36.97 -3.09
N ILE A 182 -27.08 38.25 -3.42
CA ILE A 182 -26.68 38.71 -4.74
C ILE A 182 -25.30 38.17 -5.12
N ASN A 183 -24.32 38.36 -4.25
CA ASN A 183 -22.93 37.99 -4.51
C ASN A 183 -22.61 36.56 -4.10
N ARG A 184 -23.66 35.79 -3.79
CA ARG A 184 -23.68 34.33 -3.72
C ARG A 184 -22.48 33.53 -4.28
N TYR A 185 -22.23 33.64 -5.57
CA TYR A 185 -21.16 32.83 -6.15
C TYR A 185 -19.76 33.39 -5.93
N ASP A 186 -19.66 34.64 -5.47
CA ASP A 186 -18.37 35.22 -5.08
C ASP A 186 -18.26 35.35 -3.58
N LEU A 187 -19.08 34.59 -2.87
CA LEU A 187 -19.27 34.74 -1.42
C LEU A 187 -18.00 34.94 -0.62
N PHE A 188 -17.02 34.07 -0.82
CA PHE A 188 -15.87 34.06 0.06
C PHE A 188 -14.89 35.16 -0.26
N GLU A 189 -15.16 35.87 -1.35
CA GLU A 189 -14.30 36.96 -1.76
C GLU A 189 -14.75 38.29 -1.17
N LYS A 190 -15.97 38.30 -0.64
CA LYS A 190 -16.54 39.53 -0.09
C LYS A 190 -16.14 39.64 1.36
N PRO A 191 -15.43 40.72 1.74
CA PRO A 191 -15.07 40.93 3.15
C PRO A 191 -16.30 40.98 4.06
N GLU A 192 -17.43 41.47 3.55
CA GLU A 192 -18.70 41.50 4.28
C GLU A 192 -19.08 40.16 4.87
N LEU A 193 -18.52 39.10 4.32
CA LEU A 193 -18.81 37.76 4.76
C LEU A 193 -18.35 37.55 6.19
N LEU A 194 -17.13 38.02 6.47
CA LEU A 194 -16.55 37.93 7.79
C LEU A 194 -17.43 38.66 8.81
N THR A 195 -17.92 39.84 8.44
CA THR A 195 -18.82 40.60 9.28
C THR A 195 -20.08 39.79 9.60
N TRP A 196 -20.60 39.15 8.57
CA TRP A 196 -21.80 38.32 8.72
C TRP A 196 -21.52 37.08 9.58
N VAL A 197 -20.35 36.46 9.43
CA VAL A 197 -20.06 35.29 10.24
C VAL A 197 -20.14 35.72 11.69
N LYS A 198 -19.45 36.81 12.03
CA LYS A 198 -19.46 37.30 13.40
C LYS A 198 -20.87 37.55 13.88
N TYR A 199 -21.69 38.14 13.02
CA TYR A 199 -23.06 38.47 13.42
C TYR A 199 -23.83 37.21 13.75
N LEU A 200 -23.62 36.14 12.99
CA LEU A 200 -24.37 34.91 13.26
C LEU A 200 -23.98 34.31 14.61
N ASP A 201 -22.70 34.33 14.92
CA ASP A 201 -22.20 33.88 16.21
C ASP A 201 -22.70 34.71 17.42
N ASP A 202 -22.69 36.03 17.29
CA ASP A 202 -23.17 36.90 18.35
C ASP A 202 -24.69 36.81 18.48
N TRP A 203 -25.38 36.57 17.36
CA TRP A 203 -26.81 36.31 17.38
C TRP A 203 -27.09 35.01 18.17
N ASN A 204 -26.35 33.95 17.87
CA ASN A 204 -26.47 32.68 18.61
C ASN A 204 -26.34 32.95 20.11
N LYS A 205 -25.28 33.67 20.49
CA LYS A 205 -25.09 34.11 21.86
C LYS A 205 -26.27 34.90 22.43
N MSE A 206 -26.81 35.83 21.65
CA MSE A 206 -27.82 36.77 22.12
C MSE A 206 -29.24 36.16 22.21
O MSE A 206 -30.03 36.54 23.07
CB MSE A 206 -27.86 38.00 21.19
CG MSE A 206 -28.93 39.06 21.55
SE MSE A 206 -28.76 39.88 23.33
CE MSE A 206 -28.09 41.59 22.79
N TYR A 207 -29.56 35.25 21.31
CA TYR A 207 -30.86 34.59 21.29
C TYR A 207 -30.66 33.09 21.22
N PRO A 208 -30.26 32.48 22.34
CA PRO A 208 -29.85 31.08 22.33
C PRO A 208 -31.01 30.17 21.98
N ASP A 209 -32.23 30.72 22.02
CA ASP A 209 -33.41 29.94 21.68
C ASP A 209 -33.55 29.81 20.16
N ARG A 210 -32.93 30.75 19.46
CA ARG A 210 -33.06 30.92 18.01
C ARG A 210 -31.77 30.78 17.23
N GLN A 211 -31.04 29.67 17.42
CA GLN A 211 -29.73 29.52 16.79
C GLN A 211 -29.78 28.95 15.38
N THR A 212 -28.78 29.33 14.59
CA THR A 212 -28.51 28.71 13.29
C THR A 212 -27.04 28.38 13.19
N THR A 213 -26.67 27.71 12.10
CA THR A 213 -25.27 27.50 11.77
C THR A 213 -24.96 28.30 10.52
N LEU A 214 -23.66 28.39 10.22
CA LEU A 214 -23.19 28.95 8.95
C LEU A 214 -23.68 28.08 7.82
N PHE A 215 -23.53 26.76 7.94
CA PHE A 215 -23.97 25.90 6.86
C PHE A 215 -25.45 26.04 6.57
N ALA A 216 -26.25 26.27 7.61
CA ALA A 216 -27.69 26.28 7.41
C ALA A 216 -28.15 27.55 6.69
N ARG A 217 -27.37 28.62 6.76
CA ARG A 217 -27.77 29.86 6.12
C ARG A 217 -27.21 30.02 4.71
N ILE A 218 -26.11 29.31 4.43
CA ILE A 218 -25.46 29.41 3.12
C ILE A 218 -25.96 28.31 2.22
N SER A 219 -26.16 27.12 2.76
CA SER A 219 -26.70 25.97 2.04
C SER A 219 -27.83 26.29 1.06
N PRO A 220 -28.84 27.07 1.46
CA PRO A 220 -29.93 27.30 0.51
C PRO A 220 -29.61 28.28 -0.61
N LEU A 221 -28.51 29.00 -0.50
CA LEU A 221 -28.11 29.87 -1.61
C LEU A 221 -27.50 29.10 -2.77
N LEU A 222 -26.96 27.91 -2.50
CA LEU A 222 -26.06 27.25 -3.44
C LEU A 222 -26.30 25.75 -3.52
N GLU A 223 -26.09 25.16 -4.71
CA GLU A 223 -26.01 23.71 -4.88
C GLU A 223 -24.93 23.12 -3.98
N GLU A 224 -25.11 21.89 -3.51
CA GLU A 224 -24.17 21.31 -2.56
C GLU A 224 -22.77 21.20 -3.16
N GLY A 225 -22.69 20.83 -4.43
CA GLY A 225 -21.42 20.76 -5.11
C GLY A 225 -20.73 22.11 -5.22
N ILE A 226 -21.51 23.14 -5.57
CA ILE A 226 -20.89 24.42 -5.83
C ILE A 226 -20.30 24.96 -4.52
N LEU A 227 -21.05 24.82 -3.42
CA LEU A 227 -20.54 25.20 -2.10
C LEU A 227 -19.27 24.42 -1.73
N ALA A 228 -19.29 23.11 -1.95
CA ALA A 228 -18.11 22.31 -1.68
C ALA A 228 -16.91 22.91 -2.41
N ASN A 229 -17.10 23.30 -3.67
CA ASN A 229 -15.98 23.82 -4.47
C ASN A 229 -15.46 25.16 -3.98
N MSE A 230 -16.37 26.09 -3.70
CA MSE A 230 -15.90 27.39 -3.29
C MSE A 230 -15.25 27.27 -1.92
O MSE A 230 -14.31 28.03 -1.61
CB MSE A 230 -17.05 28.41 -3.27
CG MSE A 230 -17.91 28.39 -4.54
SE MSE A 230 -19.62 29.35 -4.26
CE MSE A 230 -19.74 29.09 -2.35
N LEU A 231 -15.73 26.32 -1.12
CA LEU A 231 -15.14 26.04 0.19
C LEU A 231 -13.65 25.67 0.09
N ILE A 232 -13.32 24.84 -0.89
CA ILE A 232 -11.93 24.50 -1.16
C ILE A 232 -11.05 25.73 -1.44
N LYS A 233 -11.50 26.61 -2.33
CA LYS A 233 -10.64 27.76 -2.64
C LYS A 233 -10.60 28.70 -1.47
N ALA A 234 -11.73 28.95 -0.83
CA ALA A 234 -11.78 29.76 0.39
C ALA A 234 -10.84 29.22 1.48
N LYS A 235 -10.66 27.90 1.53
CA LYS A 235 -9.80 27.27 2.53
C LYS A 235 -8.35 27.72 2.34
N SER A 236 -7.99 28.03 1.10
CA SER A 236 -6.61 28.31 0.74
C SER A 236 -6.36 29.83 0.66
N VAL A 237 -7.25 30.59 1.27
CA VAL A 237 -7.08 32.01 1.41
C VAL A 237 -7.01 32.25 2.91
N ALA A 238 -6.08 33.09 3.35
CA ALA A 238 -5.81 33.23 4.76
C ALA A 238 -6.98 33.85 5.51
N SER A 239 -7.66 34.82 4.91
CA SER A 239 -8.72 35.51 5.62
C SER A 239 -9.97 34.64 5.73
N THR A 240 -10.03 33.54 4.97
CA THR A 240 -11.24 32.73 4.97
C THR A 240 -11.07 31.29 5.37
N GLU A 241 -9.86 30.91 5.79
CA GLU A 241 -9.61 29.50 6.13
C GLU A 241 -10.41 29.00 7.37
N LYS A 242 -10.38 29.79 8.44
CA LYS A 242 -11.09 29.41 9.66
C LYS A 242 -12.55 29.22 9.31
N ILE A 243 -13.12 30.17 8.57
CA ILE A 243 -14.54 30.10 8.19
C ILE A 243 -14.85 28.94 7.25
N ALA A 244 -13.97 28.71 6.29
CA ALA A 244 -14.21 27.71 5.28
C ALA A 244 -14.18 26.34 5.93
N LEU A 245 -13.18 26.11 6.79
CA LEU A 245 -13.10 24.87 7.56
C LEU A 245 -14.36 24.64 8.41
N ARG A 246 -14.83 25.70 9.06
CA ARG A 246 -16.03 25.61 9.86
C ARG A 246 -17.17 25.02 9.06
N ILE A 247 -17.39 25.59 7.88
CA ILE A 247 -18.51 25.23 7.03
C ILE A 247 -18.31 23.85 6.43
N GLN A 248 -17.07 23.47 6.18
CA GLN A 248 -16.82 22.13 5.67
C GLN A 248 -17.28 21.13 6.70
N ALA A 249 -16.85 21.35 7.94
CA ALA A 249 -17.22 20.45 9.03
C ALA A 249 -18.73 20.36 9.13
N GLU A 250 -19.41 21.50 9.06
CA GLU A 250 -20.89 21.51 9.09
C GLU A 250 -21.53 20.84 7.87
N GLN A 251 -20.84 20.87 6.74
CA GLN A 251 -21.36 20.24 5.53
C GLN A 251 -21.21 18.73 5.65
N THR A 252 -19.99 18.28 5.93
CA THR A 252 -19.73 16.86 6.17
C THR A 252 -20.70 16.33 7.24
N ALA A 253 -20.74 17.02 8.37
CA ALA A 253 -21.59 16.62 9.49
C ALA A 253 -23.04 16.43 9.08
N SER A 254 -23.56 17.37 8.30
CA SER A 254 -24.93 17.30 7.86
C SER A 254 -25.19 16.09 6.93
N TRP A 255 -24.25 15.76 6.05
CA TRP A 255 -24.37 14.56 5.19
C TRP A 255 -24.38 13.26 6.00
N LEU A 256 -23.48 13.17 6.98
CA LEU A 256 -23.40 11.98 7.80
C LEU A 256 -24.71 11.76 8.52
N LYS A 257 -25.21 12.82 9.14
CA LYS A 257 -26.39 12.73 9.97
C LYS A 257 -27.62 12.41 9.14
N ALA A 258 -27.57 12.70 7.84
CA ALA A 258 -28.67 12.38 6.96
C ALA A 258 -28.43 11.00 6.36
N GLU A 259 -27.36 10.36 6.84
CA GLU A 259 -26.88 9.06 6.33
C GLU A 259 -26.84 9.06 4.78
N LYS A 260 -26.23 10.10 4.23
CA LYS A 260 -26.06 10.23 2.79
C LYS A 260 -25.01 9.23 2.38
N THR A 261 -25.40 8.25 1.56
CA THR A 261 -24.46 7.20 1.14
C THR A 261 -23.34 7.76 0.29
N PRO A 262 -22.14 7.17 0.37
CA PRO A 262 -20.98 7.58 -0.43
C PRO A 262 -21.28 7.48 -1.92
N ASP A 263 -22.15 6.55 -2.27
CA ASP A 263 -22.54 6.37 -3.65
C ASP A 263 -23.41 7.54 -4.15
N ASP A 264 -24.26 8.06 -3.26
CA ASP A 264 -25.15 9.16 -3.64
C ASP A 264 -24.44 10.49 -3.60
N LEU A 265 -23.47 10.61 -2.70
CA LEU A 265 -22.67 11.81 -2.61
C LEU A 265 -21.73 11.90 -3.83
N PHE A 266 -21.58 10.79 -4.54
CA PHE A 266 -20.69 10.79 -5.70
C PHE A 266 -21.29 11.57 -6.84
N THR A 267 -22.56 11.35 -7.10
CA THR A 267 -23.25 12.08 -8.16
C THR A 267 -23.54 13.53 -7.72
N LEU A 268 -23.94 13.74 -6.47
CA LEU A 268 -24.24 15.09 -5.96
C LEU A 268 -23.06 16.03 -6.15
N LEU A 269 -21.86 15.55 -5.87
CA LEU A 269 -20.66 16.34 -6.12
C LEU A 269 -20.23 16.27 -7.59
N ARG A 270 -21.06 15.63 -8.42
CA ARG A 270 -20.83 15.61 -9.87
C ARG A 270 -19.53 14.92 -10.30
N LEU A 271 -18.98 14.08 -9.42
CA LEU A 271 -17.73 13.36 -9.69
C LEU A 271 -17.87 12.34 -10.83
N ASN A 272 -19.10 11.88 -11.07
CA ASN A 272 -19.43 11.05 -12.22
C ASN A 272 -19.26 11.81 -13.55
N ARG A 273 -19.85 13.00 -13.65
CA ARG A 273 -19.78 13.79 -14.88
C ARG A 273 -18.42 14.47 -15.03
N ALA A 274 -17.34 13.70 -15.07
CA ALA A 274 -16.03 14.25 -15.38
C ALA A 274 -15.54 13.72 -16.73
N GLU A 275 -15.43 14.64 -17.69
CA GLU A 275 -14.81 14.40 -18.98
C GLU A 275 -13.64 15.39 -19.17
N ASP A 276 -13.83 16.65 -18.79
CA ASP A 276 -12.82 17.69 -19.06
C ASP A 276 -11.83 17.84 -17.90
N SER A 277 -12.11 17.16 -16.79
CA SER A 277 -11.24 17.16 -15.61
C SER A 277 -11.04 15.69 -15.25
N PRO A 278 -9.82 15.11 -15.50
CA PRO A 278 -9.58 13.83 -14.79
C PRO A 278 -9.76 13.97 -13.27
N LEU A 279 -10.03 12.81 -12.67
CA LEU A 279 -10.76 12.78 -11.41
C LEU A 279 -9.87 12.96 -10.18
N LEU A 280 -8.69 12.38 -10.18
CA LEU A 280 -7.85 12.50 -9.00
C LEU A 280 -7.21 13.87 -8.80
N GLU A 281 -7.34 14.74 -9.80
CA GLU A 281 -6.96 16.13 -9.69
C GLU A 281 -7.71 16.83 -8.57
N ASN A 282 -8.95 16.37 -8.50
CA ASN A 282 -10.04 17.06 -7.89
C ASN A 282 -9.98 16.97 -6.38
N PRO A 283 -9.89 18.13 -5.73
CA PRO A 283 -9.78 18.10 -4.26
C PRO A 283 -11.10 17.65 -3.64
N ILE A 284 -12.15 17.70 -4.45
CA ILE A 284 -13.45 17.18 -4.05
C ILE A 284 -13.42 15.66 -4.06
N PHE A 285 -12.65 15.07 -4.98
CA PHE A 285 -12.53 13.61 -4.99
C PHE A 285 -11.86 13.11 -3.72
N ASP A 286 -10.79 13.78 -3.29
CA ASP A 286 -10.12 13.38 -2.07
C ASP A 286 -11.09 13.52 -0.92
N ALA A 287 -11.83 14.63 -0.94
CA ALA A 287 -12.83 14.90 0.09
C ALA A 287 -13.88 13.78 0.09
N TRP A 288 -14.24 13.29 -1.10
CA TRP A 288 -15.22 12.22 -1.16
C TRP A 288 -14.68 10.93 -0.53
N VAL A 289 -13.42 10.60 -0.80
CA VAL A 289 -12.86 9.41 -0.23
C VAL A 289 -12.80 9.57 1.29
N LYS A 290 -12.50 10.77 1.80
CA LYS A 290 -12.46 10.88 3.26
C LYS A 290 -13.90 10.73 3.81
N TYR A 291 -14.89 11.21 3.06
CA TYR A 291 -16.28 11.06 3.51
C TYR A 291 -16.66 9.60 3.57
N ALA A 292 -16.33 8.84 2.51
CA ALA A 292 -16.60 7.42 2.47
C ALA A 292 -15.92 6.66 3.61
N ASP A 293 -14.72 7.09 4.02
CA ASP A 293 -14.03 6.47 5.14
C ASP A 293 -14.77 6.74 6.46
N ASP A 294 -15.05 8.01 6.76
CA ASP A 294 -15.89 8.41 7.91
C ASP A 294 -17.26 7.74 7.89
N PHE A 295 -17.76 7.42 6.71
CA PHE A 295 -19.06 6.76 6.59
C PHE A 295 -19.00 5.26 6.94
N ARG A 296 -17.95 4.57 6.51
CA ARG A 296 -17.74 3.19 6.89
C ARG A 296 -17.56 3.13 8.39
N GLU A 297 -16.78 4.07 8.91
CA GLU A 297 -16.38 4.03 10.32
C GLU A 297 -17.52 4.49 11.22
N MSE A 298 -18.62 4.93 10.64
CA MSE A 298 -19.79 5.34 11.43
C MSE A 298 -21.02 4.45 11.17
O MSE A 298 -22.00 4.46 11.93
CB MSE A 298 -20.15 6.77 11.16
CG MSE A 298 -20.96 7.39 12.27
SE MSE A 298 -22.01 8.92 11.71
CE MSE A 298 -21.44 10.15 13.11
N TYR A 299 -20.97 3.68 10.11
CA TYR A 299 -21.99 2.69 9.86
C TYR A 299 -21.30 1.47 9.33
N PRO A 300 -20.60 0.75 10.22
CA PRO A 300 -19.77 -0.38 9.76
C PRO A 300 -20.61 -1.43 9.06
N LYS A 301 -21.89 -1.50 9.38
CA LYS A 301 -22.78 -2.52 8.83
C LYS A 301 -23.07 -2.31 7.36
N VAL A 302 -22.78 -1.12 6.83
CA VAL A 302 -23.27 -0.79 5.49
C VAL A 302 -22.18 -0.84 4.41
N SER A 303 -21.36 -1.89 4.49
CA SER A 303 -20.63 -2.47 3.35
C SER A 303 -20.40 -1.55 2.15
N PHE A 304 -19.38 -0.71 2.20
CA PHE A 304 -19.15 0.15 1.05
C PHE A 304 -17.69 0.02 0.51
N ASP A 305 -17.59 -0.25 -0.80
CA ASP A 305 -16.31 -0.34 -1.51
C ASP A 305 -16.25 0.84 -2.50
N PRO A 306 -15.29 1.74 -2.28
CA PRO A 306 -14.99 2.89 -3.15
C PRO A 306 -14.89 2.50 -4.62
N ILE A 307 -14.16 1.43 -4.92
CA ILE A 307 -13.97 0.99 -6.30
C ILE A 307 -15.31 0.71 -6.99
N ALA A 308 -16.25 0.13 -6.25
CA ALA A 308 -17.55 -0.22 -6.81
C ALA A 308 -18.25 1.03 -7.37
N THR A 309 -18.24 2.10 -6.58
CA THR A 309 -18.81 3.38 -6.99
C THR A 309 -18.11 3.98 -8.22
N ILE A 310 -16.79 4.09 -8.18
CA ILE A 310 -16.10 4.75 -9.27
C ILE A 310 -16.27 3.99 -10.58
N SER A 311 -16.47 2.68 -10.49
CA SER A 311 -16.42 1.86 -11.69
C SER A 311 -17.79 1.58 -12.29
N GLU A 312 -18.84 2.18 -11.73
CA GLU A 312 -20.10 2.24 -12.47
C GLU A 312 -20.10 3.50 -13.34
N HIS A 313 -19.10 4.36 -13.15
CA HIS A 313 -18.92 5.53 -13.99
C HIS A 313 -17.66 5.50 -14.83
N TYR A 314 -16.76 4.56 -14.53
CA TYR A 314 -15.48 4.48 -15.26
C TYR A 314 -15.04 3.04 -15.54
N THR A 315 -14.14 2.91 -16.51
CA THR A 315 -13.60 1.61 -16.93
C THR A 315 -12.31 1.29 -16.18
N ALA A 316 -12.00 0.00 -16.03
CA ALA A 316 -10.76 -0.41 -15.36
C ALA A 316 -9.58 0.39 -15.90
N ALA A 317 -9.48 0.43 -17.24
CA ALA A 317 -8.44 1.16 -17.95
C ALA A 317 -8.46 2.65 -17.63
N GLN A 318 -9.63 3.26 -17.68
CA GLN A 318 -9.73 4.67 -17.34
C GLN A 318 -9.20 4.94 -15.94
N VAL A 319 -9.54 4.04 -15.02
CA VAL A 319 -9.21 4.20 -13.61
C VAL A 319 -7.71 3.97 -13.38
N ALA A 320 -7.13 3.01 -14.11
CA ALA A 320 -5.71 2.78 -13.95
C ALA A 320 -4.92 3.96 -14.51
N THR A 321 -5.43 4.57 -15.58
CA THR A 321 -4.74 5.67 -16.22
C THR A 321 -4.73 6.92 -15.35
N MSE A 322 -5.88 7.25 -14.76
CA MSE A 322 -5.93 8.32 -13.77
C MSE A 322 -4.88 8.06 -12.67
O MSE A 322 -4.25 8.99 -12.19
CB MSE A 322 -7.33 8.42 -13.17
CG MSE A 322 -8.30 9.31 -13.96
SE MSE A 322 -10.16 9.15 -13.41
CE MSE A 322 -9.86 8.23 -11.73
N ILE A 323 -4.68 6.80 -12.30
CA ILE A 323 -3.73 6.49 -11.25
C ILE A 323 -2.31 6.68 -11.75
N VAL A 324 -2.02 6.18 -12.96
CA VAL A 324 -0.71 6.45 -13.53
C VAL A 324 -0.49 7.97 -13.63
N GLU A 325 -1.45 8.67 -14.23
CA GLU A 325 -1.39 10.13 -14.29
C GLU A 325 -1.95 10.76 -12.99
N ALA A 326 -1.17 10.64 -11.91
CA ALA A 326 -1.50 11.21 -10.60
C ALA A 326 -0.40 10.82 -9.69
N SER A 327 0.17 9.65 -9.96
CA SER A 327 1.29 9.18 -9.19
C SER A 327 2.53 10.07 -9.39
N LYS A 328 2.67 10.67 -10.58
CA LYS A 328 3.85 11.51 -10.87
C LYS A 328 3.87 12.79 -10.08
N SER A 329 2.72 13.46 -9.99
CA SER A 329 2.64 14.62 -9.12
C SER A 329 2.67 14.14 -7.67
N PRO A 330 3.47 14.81 -6.83
CA PRO A 330 3.60 14.42 -5.43
C PRO A 330 2.38 14.86 -4.64
N SER A 331 1.61 15.77 -5.21
CA SER A 331 0.43 16.34 -4.53
C SER A 331 -0.80 15.45 -4.70
N THR A 332 -0.78 14.58 -5.71
CA THR A 332 -1.86 13.61 -5.92
C THR A 332 -1.30 12.21 -5.72
N SER A 333 -0.01 12.16 -5.39
CA SER A 333 0.69 10.90 -5.19
C SER A 333 -0.03 9.98 -4.20
N SER A 334 -0.55 10.60 -3.15
CA SER A 334 -1.22 9.88 -2.06
C SER A 334 -2.59 9.31 -2.47
N ILE A 335 -3.45 10.13 -3.07
CA ILE A 335 -4.73 9.59 -3.56
C ILE A 335 -4.49 8.56 -4.66
N ALA A 336 -3.42 8.71 -5.44
CA ALA A 336 -3.10 7.72 -6.46
C ALA A 336 -2.85 6.37 -5.81
N HIS A 337 -1.98 6.32 -4.81
CA HIS A 337 -1.56 5.06 -4.24
C HIS A 337 -2.74 4.36 -3.57
N ARG A 338 -3.56 5.15 -2.86
CA ARG A 338 -4.82 4.71 -2.29
C ARG A 338 -5.68 3.93 -3.28
N LEU A 339 -6.04 4.64 -4.34
CA LEU A 339 -6.91 4.11 -5.36
C LEU A 339 -6.26 2.90 -6.03
N ASN A 340 -4.94 2.94 -6.19
CA ASN A 340 -4.26 1.76 -6.73
C ASN A 340 -4.42 0.53 -5.82
N THR A 341 -4.24 0.74 -4.51
CA THR A 341 -4.41 -0.33 -3.51
C THR A 341 -5.80 -0.94 -3.57
N GLU A 342 -6.80 -0.07 -3.70
CA GLU A 342 -8.17 -0.45 -3.92
C GLU A 342 -8.38 -1.31 -5.14
N GLN A 343 -7.90 -0.80 -6.28
CA GLN A 343 -7.99 -1.51 -7.53
C GLN A 343 -7.35 -2.90 -7.48
N PHE A 344 -6.15 -2.99 -6.92
CA PHE A 344 -5.49 -4.28 -6.84
C PHE A 344 -6.30 -5.21 -5.95
N ARG A 345 -6.74 -4.67 -4.81
CA ARG A 345 -7.48 -5.43 -3.83
C ARG A 345 -8.71 -6.06 -4.46
N ASP A 346 -9.51 -5.24 -5.13
CA ASP A 346 -10.69 -5.75 -5.78
C ASP A 346 -10.34 -6.81 -6.86
N TRP A 347 -9.28 -6.61 -7.65
CA TRP A 347 -8.83 -7.62 -8.62
C TRP A 347 -8.42 -8.92 -7.93
N LEU A 348 -7.48 -8.84 -6.99
CA LEU A 348 -7.06 -10.03 -6.24
C LEU A 348 -8.22 -10.79 -5.62
N ASN A 349 -9.16 -10.06 -5.03
CA ASN A 349 -10.20 -10.66 -4.18
C ASN A 349 -11.26 -11.32 -5.05
N THR A 350 -11.52 -10.72 -6.20
CA THR A 350 -12.38 -11.32 -7.20
C THR A 350 -11.58 -12.30 -8.11
N ARG A 351 -10.44 -12.75 -7.59
CA ARG A 351 -9.48 -13.64 -8.27
C ARG A 351 -9.28 -13.39 -9.78
N GLN A 352 -9.11 -12.13 -10.17
CA GLN A 352 -8.74 -11.78 -11.54
C GLN A 352 -7.30 -12.17 -11.87
N SER A 353 -7.13 -13.11 -12.81
CA SER A 353 -5.82 -13.51 -13.32
C SER A 353 -5.10 -12.34 -13.99
N PRO A 354 -3.76 -12.42 -13.99
CA PRO A 354 -3.00 -11.43 -14.77
C PRO A 354 -3.42 -11.34 -16.26
N VAL A 355 -3.82 -12.45 -16.90
CA VAL A 355 -4.28 -12.34 -18.29
C VAL A 355 -5.65 -11.64 -18.37
N ARG A 356 -6.50 -11.85 -17.36
CA ARG A 356 -7.85 -11.26 -17.39
C ARG A 356 -7.75 -9.77 -17.20
N VAL A 357 -6.86 -9.38 -16.29
CA VAL A 357 -6.57 -7.97 -16.07
C VAL A 357 -5.98 -7.32 -17.32
N PHE A 358 -5.17 -8.08 -18.07
CA PHE A 358 -4.66 -7.66 -19.38
C PHE A 358 -5.83 -7.22 -20.28
N LYS A 359 -6.86 -8.04 -20.37
CA LYS A 359 -8.03 -7.69 -21.17
C LYS A 359 -8.76 -6.50 -20.53
N LEU A 360 -8.85 -6.48 -19.21
CA LEU A 360 -9.55 -5.41 -18.49
C LEU A 360 -8.93 -4.05 -18.73
N LEU A 361 -7.61 -4.03 -18.79
CA LEU A 361 -6.88 -2.79 -19.04
C LEU A 361 -6.85 -2.45 -20.53
N LYS A 362 -7.38 -3.35 -21.36
CA LYS A 362 -7.50 -3.14 -22.79
C LYS A 362 -6.11 -3.09 -23.48
N LEU A 363 -5.13 -3.82 -22.92
CA LEU A 363 -3.77 -3.86 -23.48
C LEU A 363 -3.69 -4.76 -24.73
N ASP A 364 -4.64 -5.68 -24.90
CA ASP A 364 -4.69 -6.49 -26.13
C ASP A 364 -4.98 -5.63 -27.36
N GLU A 365 -5.76 -4.58 -27.18
CA GLU A 365 -6.13 -3.64 -28.25
C GLU A 365 -5.04 -2.64 -28.66
N ALA A 366 -3.97 -2.54 -27.86
CA ALA A 366 -2.81 -1.71 -28.22
C ALA A 366 -1.81 -2.48 -29.10
N GLY A 367 -2.10 -3.76 -29.34
CA GLY A 367 -1.21 -4.64 -30.08
C GLY A 367 0.25 -4.62 -29.62
N ASP A 368 1.12 -4.20 -30.55
CA ASP A 368 2.56 -4.18 -30.31
C ASP A 368 3.01 -2.82 -29.79
N LYS A 369 2.05 -2.01 -29.34
CA LYS A 369 2.38 -0.71 -28.75
C LYS A 369 1.99 -0.71 -27.26
N LEU A 370 1.74 -1.90 -26.71
CA LEU A 370 1.27 -2.04 -25.34
C LEU A 370 2.23 -1.39 -24.36
N PHE A 371 3.51 -1.38 -24.69
CA PHE A 371 4.51 -0.83 -23.80
C PHE A 371 4.59 0.69 -23.92
N GLN A 372 3.68 1.24 -24.71
CA GLN A 372 3.53 2.68 -24.84
C GLN A 372 2.24 3.17 -24.20
N SER A 373 1.40 2.23 -23.78
CA SER A 373 0.20 2.53 -22.97
C SER A 373 0.62 2.98 -21.56
N PRO A 374 -0.06 4.02 -21.01
CA PRO A 374 0.26 4.51 -19.65
C PRO A 374 0.14 3.40 -18.61
N VAL A 375 -0.64 2.39 -18.98
CA VAL A 375 -1.24 1.38 -18.14
C VAL A 375 -0.48 0.03 -18.11
N ILE A 376 0.60 -0.08 -18.90
CA ILE A 376 1.38 -1.32 -18.95
C ILE A 376 2.09 -1.61 -17.63
N THR A 377 2.51 -0.54 -16.95
CA THR A 377 3.24 -0.65 -15.72
C THR A 377 2.27 -1.10 -14.64
N THR A 378 1.04 -0.58 -14.71
CA THR A 378 -0.02 -1.07 -13.88
C THR A 378 -0.12 -2.58 -14.02
N TRP A 379 -0.13 -3.05 -15.26
CA TRP A 379 -0.39 -4.47 -15.44
C TRP A 379 0.74 -5.31 -14.85
N LEU A 380 1.97 -4.97 -15.21
CA LEU A 380 3.17 -5.66 -14.71
C LEU A 380 3.24 -5.64 -13.18
N ASN A 381 3.07 -4.47 -12.56
CA ASN A 381 2.98 -4.39 -11.10
C ASN A 381 1.95 -5.37 -10.55
N TYR A 382 0.78 -5.35 -11.15
CA TYR A 382 -0.25 -6.26 -10.73
C TYR A 382 0.23 -7.69 -10.86
N ALA A 383 0.80 -8.01 -12.02
CA ALA A 383 1.31 -9.36 -12.28
C ALA A 383 2.27 -9.83 -11.19
N THR A 384 3.27 -9.01 -10.87
CA THR A 384 4.18 -9.26 -9.75
C THR A 384 3.47 -9.38 -8.39
N PHE A 385 2.49 -8.52 -8.14
CA PHE A 385 1.74 -8.52 -6.90
C PHE A 385 1.01 -9.84 -6.78
N TYR A 386 0.42 -10.26 -7.91
CA TYR A 386 -0.41 -11.46 -7.94
C TYR A 386 0.43 -12.68 -7.67
N SER A 387 1.63 -12.72 -8.25
CA SER A 387 2.55 -13.84 -8.08
C SER A 387 3.09 -14.02 -6.67
N THR A 388 3.02 -12.96 -5.87
CA THR A 388 3.63 -12.90 -4.54
C THR A 388 2.62 -13.27 -3.48
N LYS A 389 1.35 -13.09 -3.82
CA LYS A 389 0.31 -13.25 -2.85
C LYS A 389 -0.41 -14.55 -3.13
N ARG A 390 -0.61 -14.86 -4.41
CA ARG A 390 -1.23 -16.13 -4.75
C ARG A 390 -0.33 -17.13 -5.50
N GLU A 391 -0.26 -16.98 -6.83
CA GLU A 391 0.31 -18.00 -7.69
C GLU A 391 1.24 -17.38 -8.71
N LYS A 392 2.50 -17.82 -8.79
CA LYS A 392 3.43 -17.25 -9.75
C LYS A 392 2.97 -17.51 -11.18
N VAL A 393 3.02 -16.43 -11.96
CA VAL A 393 2.55 -16.41 -13.34
C VAL A 393 3.63 -15.77 -14.21
N SER A 394 4.16 -16.48 -15.21
CA SER A 394 5.26 -15.93 -16.02
C SER A 394 4.80 -14.88 -17.02
N ILE A 395 5.29 -13.65 -16.86
CA ILE A 395 4.87 -12.61 -17.80
C ILE A 395 5.47 -12.80 -19.20
N THR A 396 6.75 -13.18 -19.25
CA THR A 396 7.38 -13.62 -20.49
C THR A 396 6.56 -14.67 -21.26
N THR A 397 6.24 -15.76 -20.59
CA THR A 397 5.47 -16.83 -21.22
C THR A 397 4.20 -16.27 -21.86
N LEU A 398 3.49 -15.42 -21.15
CA LEU A 398 2.30 -14.77 -21.69
C LEU A 398 2.57 -14.01 -23.01
N LEU A 399 3.53 -13.09 -22.97
CA LEU A 399 3.84 -12.18 -24.06
C LEU A 399 4.49 -12.89 -25.27
N ARG A 400 5.28 -13.92 -25.01
CA ARG A 400 5.91 -14.69 -26.05
C ARG A 400 4.89 -15.47 -26.86
N LYS A 401 3.84 -15.95 -26.20
CA LYS A 401 2.82 -16.72 -26.91
C LYS A 401 1.99 -15.72 -27.70
N ARG A 402 1.87 -14.52 -27.18
CA ARG A 402 1.08 -13.51 -27.84
C ARG A 402 1.73 -12.99 -29.13
N PHE A 403 3.03 -12.72 -29.06
CA PHE A 403 3.71 -11.95 -30.12
C PHE A 403 4.69 -12.70 -31.04
N GLY A 404 5.42 -13.68 -30.49
CA GLY A 404 6.52 -14.33 -31.18
C GLY A 404 7.85 -13.82 -30.67
N ASP A 405 8.91 -14.60 -30.81
CA ASP A 405 10.24 -14.18 -30.37
C ASP A 405 10.72 -12.88 -31.03
N GLU A 406 10.43 -12.72 -32.33
CA GLU A 406 10.92 -11.59 -33.14
C GLU A 406 10.16 -10.29 -32.81
N VAL A 407 8.85 -10.31 -32.98
CA VAL A 407 8.04 -9.14 -32.66
C VAL A 407 8.26 -8.70 -31.21
N LEU A 408 8.22 -9.65 -30.26
CA LEU A 408 8.49 -9.38 -28.84
C LEU A 408 9.88 -8.85 -28.54
N ALA A 409 10.90 -9.46 -29.15
CA ALA A 409 12.26 -8.97 -28.98
C ALA A 409 12.37 -7.50 -29.37
N GLY A 410 11.56 -7.07 -30.33
CA GLY A 410 11.54 -5.69 -30.83
C GLY A 410 10.74 -4.74 -29.95
N ILE A 411 9.58 -5.20 -29.53
CA ILE A 411 8.81 -4.51 -28.51
C ILE A 411 9.68 -4.22 -27.27
N LEU A 412 10.38 -5.24 -26.76
CA LEU A 412 11.14 -5.09 -25.52
C LEU A 412 12.29 -4.13 -25.69
N THR A 413 13.03 -4.32 -26.78
CA THR A 413 14.21 -3.54 -27.11
C THR A 413 13.88 -2.04 -27.25
N ASP A 414 12.72 -1.73 -27.83
CA ASP A 414 12.19 -0.36 -27.85
C ASP A 414 11.91 0.12 -26.42
N ALA A 415 11.27 -0.75 -25.64
CA ALA A 415 10.82 -0.40 -24.31
C ALA A 415 12.02 -0.17 -23.40
N GLN A 416 13.13 -0.82 -23.76
CA GLN A 416 14.40 -0.69 -23.05
C GLN A 416 14.99 0.73 -23.17
N GLN A 417 14.49 1.50 -24.12
CA GLN A 417 15.00 2.86 -24.33
C GLN A 417 14.05 3.93 -23.76
N VAL A 418 12.99 3.51 -23.10
CA VAL A 418 12.09 4.43 -22.42
C VAL A 418 12.26 4.29 -20.91
N PRO A 419 12.62 5.39 -20.24
CA PRO A 419 12.81 5.48 -18.79
C PRO A 419 11.78 4.70 -17.97
N ALA A 420 10.49 4.92 -18.19
CA ALA A 420 9.46 4.30 -17.35
C ALA A 420 9.31 2.80 -17.55
N THR A 421 9.87 2.27 -18.64
CA THR A 421 9.71 0.84 -18.91
C THR A 421 11.01 0.07 -18.98
N LYS A 422 12.14 0.73 -18.87
CA LYS A 422 13.39 0.04 -19.19
C LYS A 422 13.74 -1.06 -18.18
N GLU A 423 13.51 -0.85 -16.88
CA GLU A 423 13.91 -1.84 -15.90
C GLU A 423 13.07 -3.11 -16.04
N GLU A 424 11.79 -2.98 -16.36
CA GLU A 424 10.99 -4.17 -16.54
C GLU A 424 11.22 -4.80 -17.93
N ALA A 425 11.33 -3.95 -18.96
CA ALA A 425 11.67 -4.41 -20.31
C ALA A 425 12.91 -5.25 -20.25
N THR A 426 13.93 -4.77 -19.53
CA THR A 426 15.17 -5.51 -19.43
C THR A 426 15.00 -6.83 -18.69
N LYS A 427 14.22 -6.86 -17.62
CA LYS A 427 14.09 -8.14 -16.91
C LYS A 427 13.34 -9.11 -17.83
N LEU A 428 12.31 -8.60 -18.51
CA LEU A 428 11.52 -9.41 -19.44
C LEU A 428 12.36 -9.90 -20.65
N LEU A 429 13.19 -9.01 -21.20
CA LEU A 429 14.06 -9.37 -22.32
C LEU A 429 15.10 -10.40 -21.86
N THR A 430 15.56 -10.29 -20.62
CA THR A 430 16.48 -11.26 -20.07
C THR A 430 15.86 -12.64 -19.95
N SER A 431 14.59 -12.70 -19.53
CA SER A 431 13.89 -13.97 -19.41
C SER A 431 13.63 -14.59 -20.79
N LEU A 432 13.10 -13.79 -21.72
CA LEU A 432 12.84 -14.21 -23.11
C LEU A 432 14.02 -14.89 -23.78
N VAL A 433 15.17 -14.21 -23.77
CA VAL A 433 16.34 -14.63 -24.54
C VAL A 433 16.95 -15.91 -23.93
N GLY A 434 16.90 -16.02 -22.59
CA GLY A 434 17.30 -17.24 -21.91
C GLY A 434 16.64 -18.51 -22.44
N ARG A 435 15.50 -18.36 -23.14
CA ARG A 435 14.76 -19.46 -23.75
C ARG A 435 15.13 -19.72 -25.21
N TRP A 436 15.88 -18.77 -25.80
CA TRP A 436 16.20 -18.87 -27.22
C TRP A 436 17.12 -20.08 -27.58
N PRO A 437 18.13 -20.42 -26.74
CA PRO A 437 18.93 -21.63 -27.03
C PRO A 437 18.16 -22.93 -27.17
N LYS A 438 17.19 -23.22 -26.32
CA LYS A 438 16.42 -24.47 -26.39
C LYS A 438 15.41 -24.44 -27.56
N SER A 439 15.10 -23.24 -28.04
CA SER A 439 14.28 -23.01 -29.24
C SER A 439 15.12 -22.89 -30.52
N ARG A 440 16.46 -22.95 -30.36
CA ARG A 440 17.41 -22.93 -31.48
C ARG A 440 17.27 -21.71 -32.40
N VAL A 441 17.17 -20.53 -31.80
CA VAL A 441 17.06 -19.30 -32.57
C VAL A 441 18.42 -19.15 -33.22
N HIS A 442 18.40 -18.97 -34.53
CA HIS A 442 19.63 -18.86 -35.28
C HIS A 442 20.36 -17.63 -34.81
N PRO A 443 21.68 -17.75 -34.54
CA PRO A 443 22.54 -16.65 -34.08
C PRO A 443 22.40 -15.32 -34.85
N ASP A 444 22.10 -15.34 -36.15
CA ASP A 444 21.91 -14.11 -36.94
C ASP A 444 20.56 -13.44 -36.68
N ASN A 445 19.57 -14.25 -36.33
CA ASN A 445 18.33 -13.75 -35.78
C ASN A 445 18.50 -13.15 -34.37
N VAL A 446 19.30 -13.77 -33.51
CA VAL A 446 19.59 -13.19 -32.21
C VAL A 446 20.21 -11.79 -32.35
N TYR A 447 21.16 -11.66 -33.27
CA TYR A 447 21.87 -10.41 -33.53
C TYR A 447 20.95 -9.33 -34.11
N LYS A 448 20.09 -9.75 -35.04
CA LYS A 448 19.09 -8.88 -35.64
C LYS A 448 17.98 -8.48 -34.63
N TRP A 449 17.34 -9.48 -34.03
CA TRP A 449 16.13 -9.28 -33.24
C TRP A 449 16.40 -8.45 -31.98
N LEU A 450 17.60 -8.62 -31.42
CA LEU A 450 18.02 -7.89 -30.23
C LEU A 450 18.62 -6.55 -30.60
N ARG A 451 18.66 -6.23 -31.90
CA ARG A 451 19.36 -5.06 -32.40
C ARG A 451 20.76 -4.96 -31.80
N VAL A 452 21.46 -6.10 -31.72
CA VAL A 452 22.76 -6.14 -31.07
C VAL A 452 23.69 -5.03 -31.60
N GLU A 453 23.58 -4.73 -32.90
CA GLU A 453 24.35 -3.67 -33.56
C GLU A 453 24.31 -2.27 -32.92
N GLY A 454 23.15 -1.90 -32.38
CA GLY A 454 23.01 -0.63 -31.69
C GLY A 454 23.54 -0.66 -30.26
N ARG A 455 23.84 -1.85 -29.75
CA ARG A 455 24.16 -2.06 -28.33
C ARG A 455 25.64 -1.84 -28.04
N GLU A 456 25.90 -1.32 -26.84
CA GLU A 456 27.27 -1.01 -26.43
C GLU A 456 28.09 -2.28 -26.39
N LYS A 457 29.41 -2.13 -26.45
CA LYS A 457 30.28 -3.29 -26.46
C LYS A 457 30.15 -4.02 -25.14
N THR A 458 29.77 -3.28 -24.10
CA THR A 458 29.65 -3.83 -22.74
C THR A 458 28.30 -4.53 -22.49
N ASP A 459 27.23 -4.02 -23.11
CA ASP A 459 25.88 -4.60 -23.11
C ASP A 459 25.79 -6.13 -22.94
N GLY A 460 24.97 -6.59 -22.00
CA GLY A 460 24.86 -8.02 -21.71
C GLY A 460 24.19 -8.80 -22.83
N PHE A 461 23.37 -8.13 -23.61
CA PHE A 461 22.69 -8.82 -24.71
C PHE A 461 23.64 -9.03 -25.89
N ARG A 462 24.49 -8.04 -26.16
CA ARG A 462 25.61 -8.20 -27.11
C ARG A 462 26.51 -9.35 -26.69
N LEU A 463 26.82 -9.44 -25.39
CA LEU A 463 27.67 -10.50 -24.88
C LEU A 463 26.98 -11.85 -24.99
N PHE A 464 25.66 -11.87 -24.77
CA PHE A 464 24.90 -13.12 -25.00
C PHE A 464 25.10 -13.60 -26.43
N TYR A 465 24.91 -12.68 -27.38
CA TYR A 465 25.05 -12.96 -28.82
C TYR A 465 26.44 -13.58 -29.11
N GLU A 466 27.50 -12.94 -28.60
CA GLU A 466 28.85 -13.42 -28.81
C GLU A 466 29.00 -14.88 -28.33
N ARG A 467 28.62 -15.17 -27.08
CA ARG A 467 28.80 -16.52 -26.55
C ARG A 467 27.94 -17.51 -27.32
N TYR A 468 26.77 -17.06 -27.75
CA TYR A 468 25.80 -17.92 -28.44
C TYR A 468 26.16 -18.25 -29.89
N ALA A 469 26.82 -17.34 -30.58
CA ALA A 469 27.21 -17.60 -31.97
C ALA A 469 28.31 -18.67 -32.04
N ALA A 470 29.30 -18.56 -31.14
CA ALA A 470 30.32 -19.60 -30.97
C ALA A 470 29.77 -21.01 -30.63
N ALA A 471 28.76 -21.09 -29.75
CA ALA A 471 28.10 -22.39 -29.50
C ALA A 471 26.78 -22.52 -30.25
N TYR A 472 26.70 -23.37 -31.28
CA TYR A 472 25.42 -23.55 -31.93
C TYR A 472 25.31 -24.86 -32.72
N ILE B 65 10.42 30.55 24.16
CA ILE B 65 8.96 30.76 24.25
C ILE B 65 8.55 32.19 23.82
N ASN B 66 7.96 32.29 22.64
CA ASN B 66 7.54 33.58 22.10
C ASN B 66 6.26 34.05 22.80
N THR B 67 6.46 34.59 24.00
CA THR B 67 5.37 35.09 24.82
C THR B 67 4.49 36.08 24.06
N ALA B 68 5.14 36.97 23.32
CA ALA B 68 4.45 37.96 22.48
C ALA B 68 3.35 37.30 21.63
N GLN B 69 3.81 36.36 20.81
CA GLN B 69 2.93 35.59 19.96
C GLN B 69 1.84 34.82 20.70
N LEU B 70 2.22 34.10 21.75
CA LEU B 70 1.27 33.30 22.52
C LEU B 70 0.14 34.18 23.05
N LYS B 71 0.53 35.35 23.53
CA LYS B 71 -0.39 36.34 24.07
C LYS B 71 -1.30 36.90 23.01
N SER B 72 -0.69 37.25 21.88
CA SER B 72 -1.40 37.69 20.69
C SER B 72 -2.50 36.71 20.33
N TRP B 73 -2.13 35.43 20.15
CA TRP B 73 -3.09 34.37 19.85
C TRP B 73 -4.21 34.24 20.91
N LEU B 74 -3.87 34.17 22.20
CA LEU B 74 -4.91 34.04 23.25
C LEU B 74 -5.94 35.16 23.16
N GLU B 75 -5.46 36.36 22.85
CA GLU B 75 -6.30 37.54 22.75
C GLU B 75 -6.96 37.78 21.39
N SER B 76 -6.80 36.85 20.44
CA SER B 76 -7.66 36.77 19.24
C SER B 76 -8.72 35.69 19.41
N GLY B 77 -8.59 34.88 20.44
CA GLY B 77 -9.48 33.74 20.60
C GLY B 77 -9.12 32.59 19.70
N GLU B 78 -7.84 32.41 19.40
CA GLU B 78 -7.44 31.27 18.60
C GLU B 78 -7.57 29.99 19.39
N SER B 79 -8.25 29.00 18.80
CA SER B 79 -8.26 27.71 19.44
C SER B 79 -6.86 27.07 19.28
N ALA B 80 -6.60 25.99 20.00
CA ALA B 80 -5.35 25.30 19.81
C ALA B 80 -5.27 24.77 18.37
N ASP B 81 -6.42 24.55 17.74
CA ASP B 81 -6.43 23.98 16.39
C ASP B 81 -6.17 25.06 15.32
N ASP B 82 -6.72 26.25 15.56
CA ASP B 82 -6.46 27.41 14.73
C ASP B 82 -4.95 27.69 14.67
N VAL B 83 -4.27 27.47 15.80
CA VAL B 83 -2.85 27.79 15.90
C VAL B 83 -1.99 26.68 15.27
N PHE B 84 -2.47 25.45 15.36
CA PHE B 84 -1.83 24.34 14.66
C PHE B 84 -1.75 24.66 13.17
N LYS B 85 -2.77 25.37 12.67
CA LYS B 85 -2.87 25.66 11.25
C LYS B 85 -2.22 26.99 10.87
N LEU B 86 -2.24 27.95 11.79
CA LEU B 86 -1.47 29.18 11.61
C LEU B 86 0.00 28.83 11.51
N LEU B 87 0.41 27.73 12.14
CA LEU B 87 1.80 27.33 12.20
C LEU B 87 2.13 26.44 11.02
N LYS B 88 1.10 26.18 10.21
CA LYS B 88 1.24 25.31 9.07
C LYS B 88 1.82 23.92 9.45
N LEU B 89 1.49 23.45 10.65
CA LEU B 89 1.95 22.15 11.15
C LEU B 89 1.27 20.98 10.44
N ASP B 90 0.18 21.24 9.75
CA ASP B 90 -0.49 20.14 9.06
C ASP B 90 0.00 20.01 7.62
N SER B 91 0.97 20.83 7.25
CA SER B 91 1.64 20.71 5.95
C SER B 91 2.20 19.31 5.71
N ALA B 92 3.23 18.95 6.48
CA ALA B 92 3.95 17.71 6.26
C ALA B 92 4.07 16.89 7.53
N ALA B 93 3.45 15.71 7.57
CA ALA B 93 3.51 14.85 8.75
C ALA B 93 4.94 14.49 9.19
N ASP B 94 5.89 14.56 8.25
CA ASP B 94 7.27 14.16 8.52
C ASP B 94 8.15 15.31 9.01
N LYS B 95 7.57 16.50 9.11
CA LYS B 95 8.29 17.62 9.76
C LYS B 95 7.63 18.10 11.07
N VAL B 96 6.86 17.22 11.70
CA VAL B 96 6.13 17.56 12.90
C VAL B 96 6.89 17.16 14.16
N LEU B 97 6.93 15.87 14.46
CA LEU B 97 7.57 15.39 15.68
C LEU B 97 9.03 15.82 15.78
N GLY B 98 9.46 16.19 16.98
CA GLY B 98 10.81 16.67 17.17
C GLY B 98 11.22 17.91 16.38
N HIS B 99 10.27 18.77 16.00
CA HIS B 99 10.62 20.05 15.36
C HIS B 99 10.22 21.22 16.24
N ALA B 100 10.80 22.38 16.01
CA ALA B 100 10.60 23.52 16.92
C ALA B 100 9.17 24.05 16.89
N LYS B 101 8.52 23.94 15.72
CA LYS B 101 7.18 24.50 15.58
C LYS B 101 6.13 23.81 16.47
N LEU B 102 6.24 22.49 16.62
CA LEU B 102 5.37 21.72 17.53
C LEU B 102 5.60 22.11 18.98
N ASP B 103 6.83 22.45 19.34
CA ASP B 103 7.10 22.91 20.70
C ASP B 103 6.41 24.26 20.98
N GLU B 104 6.40 25.13 19.97
CA GLU B 104 5.64 26.37 20.06
C GLU B 104 4.16 26.05 20.25
N TRP B 105 3.65 25.14 19.45
CA TRP B 105 2.24 24.81 19.51
C TRP B 105 1.85 24.22 20.85
N ILE B 106 2.69 23.32 21.38
CA ILE B 106 2.44 22.68 22.67
C ILE B 106 2.33 23.71 23.80
N GLU B 107 3.22 24.69 23.80
CA GLU B 107 3.14 25.77 24.78
C GLU B 107 1.80 26.53 24.69
N TYR B 108 1.36 26.80 23.46
CA TYR B 108 0.04 27.36 23.27
C TYR B 108 -1.10 26.42 23.70
N MSE B 109 -0.99 25.12 23.44
CA MSE B 109 -2.04 24.21 23.89
C MSE B 109 -2.16 24.22 25.43
O MSE B 109 -3.27 24.24 25.96
CB MSE B 109 -1.79 22.80 23.33
CG MSE B 109 -2.23 21.78 24.35
SE MSE B 109 -1.84 19.88 24.02
CE MSE B 109 -0.93 19.65 25.74
N LYS B 110 -1.03 24.30 26.16
CA LYS B 110 -1.10 24.39 27.62
C LYS B 110 -1.90 25.62 27.99
N LEU B 111 -1.52 26.78 27.46
CA LEU B 111 -2.19 28.05 27.74
C LEU B 111 -3.65 28.00 27.32
N PHE B 112 -3.91 27.44 26.15
CA PHE B 112 -5.28 27.31 25.66
C PHE B 112 -6.12 26.46 26.60
N ASN B 113 -5.57 25.32 27.02
CA ASN B 113 -6.29 24.42 27.92
C ASN B 113 -6.69 25.08 29.26
N GLY B 114 -6.34 26.35 29.43
CA GLY B 114 -7.18 27.26 30.21
C GLY B 114 -6.50 27.68 31.45
N LYS B 116 -10.59 28.74 30.96
CA LYS B 116 -11.17 27.53 31.51
C LYS B 116 -12.57 27.16 30.95
N GLY B 117 -13.15 28.00 30.11
CA GLY B 117 -14.29 27.52 29.35
C GLY B 117 -14.00 27.23 27.87
N SER B 118 -13.06 26.32 27.60
CA SER B 118 -12.38 26.35 26.31
C SER B 118 -12.46 25.16 25.34
N LYS B 119 -12.77 23.94 25.80
CA LYS B 119 -12.72 22.69 24.98
C LYS B 119 -11.30 22.15 24.99
N LYS B 120 -11.00 21.26 25.91
CA LYS B 120 -9.63 20.78 26.00
C LYS B 120 -9.23 19.92 24.79
N THR B 121 -7.96 19.96 24.46
CA THR B 121 -7.43 19.05 23.47
C THR B 121 -6.10 18.47 23.97
N THR B 122 -5.73 17.32 23.45
CA THR B 122 -4.40 16.77 23.67
C THR B 122 -3.61 16.89 22.39
N LEU B 123 -2.33 16.59 22.46
CA LEU B 123 -1.53 16.53 21.27
C LEU B 123 -2.00 15.35 20.42
N ILE B 124 -2.35 14.23 21.03
CA ILE B 124 -2.82 13.09 20.25
C ILE B 124 -4.12 13.45 19.54
N LYS B 125 -5.01 14.15 20.24
CA LYS B 125 -6.31 14.40 19.66
C LYS B 125 -6.14 15.28 18.44
N THR B 126 -5.27 16.28 18.55
CA THR B 126 -5.09 17.26 17.48
C THR B 126 -4.36 16.66 16.28
N LEU B 127 -3.33 15.85 16.52
CA LEU B 127 -2.61 15.20 15.44
C LEU B 127 -3.52 14.29 14.60
N THR B 128 -4.24 13.41 15.28
CA THR B 128 -5.28 12.55 14.72
C THR B 128 -6.35 13.35 13.90
N ALA B 129 -6.80 14.48 14.43
CA ALA B 129 -7.75 15.33 13.71
C ALA B 129 -7.18 15.90 12.40
N HIS B 130 -5.87 15.98 12.29
CA HIS B 130 -5.26 16.53 11.08
C HIS B 130 -4.60 15.51 10.15
N PHE B 131 -4.24 14.34 10.67
CA PHE B 131 -3.46 13.39 9.88
C PHE B 131 -4.08 12.03 9.90
N GLU B 132 -5.14 11.88 10.71
CA GLU B 132 -5.88 10.64 10.87
C GLU B 132 -5.11 9.56 11.62
N ASP B 133 -5.82 8.56 12.12
CA ASP B 133 -5.23 7.54 12.97
C ASP B 133 -4.08 6.80 12.32
N ASP B 134 -4.27 6.39 11.07
CA ASP B 134 -3.20 5.73 10.31
C ASP B 134 -2.04 6.69 10.06
N GLY B 135 -2.36 7.97 9.79
CA GLY B 135 -1.35 9.00 9.65
C GLY B 135 -0.52 9.22 10.90
N VAL B 136 -1.16 9.29 12.07
CA VAL B 136 -0.46 9.40 13.34
C VAL B 136 0.38 8.15 13.67
N ALA B 137 -0.23 6.98 13.57
CA ALA B 137 0.48 5.70 13.69
C ALA B 137 1.76 5.65 12.86
N ARG B 138 1.68 6.01 11.58
CA ARG B 138 2.90 6.13 10.75
C ARG B 138 3.91 7.17 11.28
N MSE B 139 3.43 8.32 11.73
CA MSE B 139 4.29 9.37 12.31
C MSE B 139 5.12 8.92 13.52
O MSE B 139 6.33 9.16 13.56
CB MSE B 139 3.45 10.55 12.73
CG MSE B 139 2.84 11.33 11.56
SE MSE B 139 1.92 12.86 12.24
CE MSE B 139 2.97 12.91 13.90
N ILE B 140 4.46 8.35 14.52
CA ILE B 140 5.14 7.71 15.63
C ILE B 140 6.14 6.66 15.13
N GLN B 141 5.66 5.69 14.35
CA GLN B 141 6.48 4.55 13.95
C GLN B 141 7.84 4.96 13.41
N LYS B 142 7.88 5.97 12.55
CA LYS B 142 9.19 6.36 12.04
C LYS B 142 9.95 7.09 13.15
N ALA B 143 9.27 7.96 13.89
CA ALA B 143 9.92 8.74 14.93
C ALA B 143 10.54 7.88 16.05
N LEU B 144 10.11 6.61 16.14
CA LEU B 144 10.68 5.63 17.07
C LEU B 144 12.05 5.16 16.62
N GLN B 145 12.29 5.27 15.31
CA GLN B 145 13.56 4.91 14.65
C GLN B 145 14.50 6.11 14.48
N VAL B 146 14.26 7.20 15.22
CA VAL B 146 15.21 8.32 15.25
C VAL B 146 15.48 8.67 16.72
N ASP B 147 16.75 8.80 17.06
CA ASP B 147 17.15 8.98 18.46
C ASP B 147 16.69 10.30 19.07
N SER B 148 16.90 11.40 18.34
CA SER B 148 16.33 12.73 18.63
C SER B 148 14.95 12.60 19.25
N THR B 149 14.08 11.95 18.48
CA THR B 149 12.65 11.88 18.72
C THR B 149 12.12 10.60 19.37
N ALA B 150 13.00 9.62 19.57
CA ALA B 150 12.60 8.29 20.07
C ALA B 150 11.79 8.34 21.39
N LYS B 151 12.24 9.08 22.40
CA LYS B 151 11.51 9.14 23.68
C LYS B 151 10.12 9.78 23.54
N MSE B 152 10.05 10.85 22.73
CA MSE B 152 8.80 11.54 22.38
C MSE B 152 7.86 10.52 21.74
O MSE B 152 6.71 10.32 22.20
CB MSE B 152 9.08 12.74 21.41
CG MSE B 152 7.96 13.16 20.42
SE MSE B 152 6.50 14.07 21.44
CE MSE B 152 6.90 15.96 21.02
N ALA B 153 8.36 9.84 20.70
CA ALA B 153 7.59 8.85 19.97
C ALA B 153 7.04 7.76 20.91
N LYS B 154 7.85 7.28 21.84
CA LYS B 154 7.38 6.22 22.74
C LYS B 154 6.25 6.74 23.66
N ARG B 155 6.31 8.00 24.07
CA ARG B 155 5.26 8.52 24.96
C ARG B 155 4.00 8.73 24.14
N LEU B 156 4.21 9.28 22.95
CA LEU B 156 3.09 9.56 22.06
C LEU B 156 2.37 8.27 21.62
N GLN B 157 3.13 7.21 21.43
CA GLN B 157 2.58 5.89 21.14
C GLN B 157 1.68 5.39 22.26
N PHE B 158 2.13 5.57 23.49
CA PHE B 158 1.35 5.23 24.68
C PHE B 158 0.03 6.00 24.70
N GLU B 159 0.11 7.30 24.42
CA GLU B 159 -1.06 8.15 24.54
C GLU B 159 -2.09 7.82 23.45
N GLN B 160 -1.61 7.42 22.27
CA GLN B 160 -2.52 6.95 21.20
C GLN B 160 -3.29 5.71 21.67
N ILE B 161 -2.55 4.71 22.15
CA ILE B 161 -3.16 3.49 22.63
C ILE B 161 -4.11 3.76 23.83
N GLN B 162 -3.74 4.69 24.73
CA GLN B 162 -4.66 5.03 25.84
C GLN B 162 -5.96 5.67 25.37
N ARG B 163 -5.87 6.55 24.38
CA ARG B 163 -7.05 7.20 23.85
C ARG B 163 -8.04 6.18 23.30
N TRP B 164 -7.56 5.30 22.44
CA TRP B 164 -8.41 4.25 21.90
C TRP B 164 -9.00 3.38 23.01
N LEU B 165 -8.17 2.89 23.95
CA LEU B 165 -8.67 2.07 25.07
C LEU B 165 -9.67 2.82 25.92
N GLY B 166 -9.54 4.16 25.96
CA GLY B 166 -10.39 5.00 26.78
C GLY B 166 -11.77 5.18 26.17
N GLN B 167 -11.79 5.45 24.87
CA GLN B 167 -12.94 5.14 24.08
C GLN B 167 -13.03 3.63 24.22
N GLU B 168 -13.95 2.90 23.64
CA GLU B 168 -13.47 1.50 23.66
C GLU B 168 -13.55 0.87 22.32
N LYS B 169 -12.70 1.48 21.49
CA LYS B 169 -12.41 1.00 20.16
C LYS B 169 -11.90 -0.42 20.27
N THR B 170 -12.71 -1.37 19.82
CA THR B 170 -12.29 -2.78 19.74
C THR B 170 -11.11 -2.91 18.77
N PRO B 171 -10.32 -3.97 18.93
CA PRO B 171 -9.22 -4.18 17.99
C PRO B 171 -9.70 -4.16 16.53
N GLU B 172 -10.89 -4.70 16.29
CA GLU B 172 -11.48 -4.65 14.95
C GLU B 172 -11.75 -3.21 14.45
N GLU B 173 -12.42 -2.40 15.27
CA GLU B 173 -12.57 -0.98 14.94
C GLU B 173 -11.21 -0.26 14.70
N VAL B 174 -10.16 -0.61 15.43
CA VAL B 174 -8.91 0.12 15.27
C VAL B 174 -8.22 -0.29 13.97
N LEU B 175 -8.39 -1.57 13.62
CA LEU B 175 -7.91 -2.11 12.37
C LEU B 175 -8.44 -1.22 11.24
N THR B 176 -9.73 -0.93 11.26
CA THR B 176 -10.32 -0.04 10.27
C THR B 176 -9.81 1.39 10.36
N LEU B 177 -9.70 1.91 11.58
CA LEU B 177 -9.16 3.26 11.78
C LEU B 177 -7.75 3.32 11.23
N LEU B 178 -6.99 2.26 11.42
CA LEU B 178 -5.65 2.24 10.88
C LEU B 178 -5.63 1.88 9.39
N LYS B 179 -6.80 1.74 8.79
CA LYS B 179 -6.93 1.40 7.38
C LYS B 179 -6.18 0.13 6.96
N LEU B 180 -5.98 -0.79 7.91
CA LEU B 180 -5.35 -2.09 7.62
C LEU B 180 -6.24 -3.01 6.81
N ASP B 181 -7.53 -2.73 6.80
CA ASP B 181 -8.43 -3.55 5.99
C ASP B 181 -8.32 -3.14 4.51
N ILE B 182 -8.30 -1.84 4.23
CA ILE B 182 -7.99 -1.33 2.91
C ILE B 182 -6.66 -1.90 2.38
N ASN B 183 -5.66 -1.96 3.28
CA ASN B 183 -4.31 -2.39 2.96
C ASN B 183 -4.02 -3.85 3.30
N ARG B 184 -5.06 -4.65 3.53
CA ARG B 184 -5.02 -6.13 3.54
C ARG B 184 -3.78 -6.85 3.01
N TYR B 185 -3.61 -6.74 1.69
CA TYR B 185 -2.57 -7.48 0.99
C TYR B 185 -1.19 -6.84 1.11
N ASP B 186 -1.09 -5.62 1.66
CA ASP B 186 0.20 -5.03 2.04
C ASP B 186 0.38 -4.99 3.57
N LEU B 187 -0.52 -5.66 4.28
CA LEU B 187 -0.56 -5.64 5.73
C LEU B 187 0.79 -5.59 6.44
N PHE B 188 1.68 -6.51 6.07
CA PHE B 188 2.91 -6.66 6.84
C PHE B 188 3.95 -5.62 6.50
N GLU B 189 3.70 -4.91 5.40
CA GLU B 189 4.55 -3.78 5.00
C GLU B 189 4.14 -2.46 5.68
N LYS B 190 2.97 -2.42 6.32
CA LYS B 190 2.46 -1.17 6.90
C LYS B 190 2.95 -0.95 8.33
N PRO B 191 3.62 0.18 8.60
CA PRO B 191 3.97 0.54 9.99
C PRO B 191 2.81 0.50 10.95
N GLU B 192 1.61 0.88 10.49
CA GLU B 192 0.40 0.89 11.33
C GLU B 192 0.09 -0.49 11.91
N LEU B 193 0.58 -1.54 11.24
CA LEU B 193 0.39 -2.92 11.71
C LEU B 193 1.03 -3.13 13.07
N LEU B 194 2.26 -2.68 13.20
CA LEU B 194 2.98 -2.71 14.47
C LEU B 194 2.22 -1.94 15.57
N THR B 195 1.63 -0.78 15.25
CA THR B 195 0.83 -0.05 16.23
C THR B 195 -0.35 -0.90 16.65
N TRP B 196 -0.97 -1.54 15.67
CA TRP B 196 -2.20 -2.30 15.92
C TRP B 196 -1.96 -3.56 16.77
N VAL B 197 -0.86 -4.28 16.50
CA VAL B 197 -0.50 -5.47 17.25
C VAL B 197 -0.32 -5.11 18.71
N LYS B 198 0.38 -3.99 18.95
CA LYS B 198 0.57 -3.48 20.29
C LYS B 198 -0.77 -3.03 20.92
N TYR B 199 -1.70 -2.49 20.11
CA TYR B 199 -2.99 -2.15 20.69
C TYR B 199 -3.84 -3.36 21.08
N LEU B 200 -3.83 -4.40 20.24
CA LEU B 200 -4.60 -5.62 20.49
C LEU B 200 -4.13 -6.28 21.77
N ASP B 201 -2.82 -6.41 21.88
CA ASP B 201 -2.19 -6.96 23.07
C ASP B 201 -2.50 -6.17 24.33
N ASP B 202 -2.56 -4.83 24.24
CA ASP B 202 -2.94 -4.02 25.39
C ASP B 202 -4.40 -4.14 25.68
N TRP B 203 -5.21 -4.23 24.63
CA TRP B 203 -6.65 -4.42 24.76
C TRP B 203 -7.00 -5.68 25.55
N ASN B 204 -6.34 -6.77 25.20
CA ASN B 204 -6.61 -8.07 25.81
C ASN B 204 -6.23 -8.07 27.29
N LYS B 205 -5.19 -7.34 27.65
CA LYS B 205 -4.84 -7.21 29.06
C LYS B 205 -5.82 -6.31 29.76
N MSE B 206 -6.21 -5.24 29.09
CA MSE B 206 -7.14 -4.28 29.65
C MSE B 206 -8.55 -4.83 29.85
O MSE B 206 -9.17 -4.56 30.87
CB MSE B 206 -7.19 -3.04 28.76
CG MSE B 206 -8.05 -1.89 29.27
SE MSE B 206 -7.51 -1.13 30.98
CE MSE B 206 -5.59 -1.37 30.90
N TYR B 207 -9.04 -5.61 28.88
CA TYR B 207 -10.39 -6.20 28.94
C TYR B 207 -10.37 -7.68 28.72
N PRO B 208 -10.07 -8.44 29.77
CA PRO B 208 -9.95 -9.90 29.68
C PRO B 208 -11.29 -10.60 29.37
N ASP B 209 -12.39 -9.86 29.54
CA ASP B 209 -13.71 -10.41 29.24
C ASP B 209 -14.01 -10.25 27.72
N ARG B 210 -13.18 -9.48 27.02
CA ARG B 210 -13.43 -9.25 25.59
C ARG B 210 -12.20 -9.56 24.72
N GLN B 211 -11.56 -10.70 24.94
CA GLN B 211 -10.32 -10.93 24.22
C GLN B 211 -10.51 -11.42 22.79
N THR B 212 -9.46 -11.21 22.02
CA THR B 212 -9.39 -11.63 20.64
C THR B 212 -7.93 -11.84 20.27
N THR B 213 -7.67 -12.46 19.13
CA THR B 213 -6.30 -12.81 18.74
C THR B 213 -5.97 -12.14 17.43
N LEU B 214 -4.68 -12.03 17.12
CA LEU B 214 -4.25 -11.53 15.81
C LEU B 214 -4.96 -12.30 14.70
N PHE B 215 -4.90 -13.64 14.74
CA PHE B 215 -5.42 -14.45 13.65
C PHE B 215 -6.93 -14.27 13.51
N ALA B 216 -7.64 -14.13 14.63
CA ALA B 216 -9.09 -13.90 14.56
C ALA B 216 -9.45 -12.58 13.89
N ARG B 217 -8.59 -11.58 13.98
CA ARG B 217 -8.94 -10.29 13.38
C ARG B 217 -8.43 -10.18 11.95
N ILE B 218 -7.39 -10.93 11.61
CA ILE B 218 -6.81 -10.86 10.28
C ILE B 218 -7.38 -11.89 9.29
N SER B 219 -7.58 -13.13 9.72
CA SER B 219 -8.06 -14.19 8.80
C SER B 219 -9.42 -13.89 8.07
N PRO B 220 -10.37 -13.16 8.70
CA PRO B 220 -11.55 -12.76 7.90
C PRO B 220 -11.25 -11.79 6.75
N LEU B 221 -10.06 -11.23 6.71
CA LEU B 221 -9.69 -10.27 5.68
C LEU B 221 -8.94 -10.92 4.53
N LEU B 222 -8.34 -12.08 4.77
CA LEU B 222 -7.44 -12.71 3.81
C LEU B 222 -7.71 -14.19 3.61
N GLU B 223 -7.80 -14.60 2.34
CA GLU B 223 -7.95 -16.02 1.99
C GLU B 223 -6.83 -16.87 2.59
N GLU B 224 -7.19 -18.02 3.16
CA GLU B 224 -6.25 -18.87 3.89
C GLU B 224 -4.88 -19.04 3.24
N GLY B 225 -4.88 -19.40 1.96
CA GLY B 225 -3.64 -19.61 1.22
C GLY B 225 -2.87 -18.33 0.96
N ILE B 226 -3.58 -17.25 0.64
CA ILE B 226 -2.90 -15.97 0.47
C ILE B 226 -2.25 -15.52 1.79
N LEU B 227 -2.91 -15.77 2.92
CA LEU B 227 -2.41 -15.33 4.21
C LEU B 227 -1.16 -16.13 4.55
N ALA B 228 -1.13 -17.37 4.09
CA ALA B 228 0.03 -18.20 4.39
C ALA B 228 1.26 -17.63 3.68
N ASN B 229 1.11 -17.36 2.39
CA ASN B 229 2.22 -16.81 1.60
C ASN B 229 2.74 -15.53 2.19
N MSE B 230 1.83 -14.74 2.75
CA MSE B 230 2.23 -13.43 3.26
C MSE B 230 3.06 -13.57 4.51
O MSE B 230 4.09 -12.92 4.63
CB MSE B 230 1.00 -12.57 3.49
CG MSE B 230 0.33 -12.21 2.18
SE MSE B 230 -1.31 -11.15 2.38
CE MSE B 230 -0.67 -10.01 3.82
N LEU B 231 2.63 -14.45 5.42
CA LEU B 231 3.35 -14.74 6.66
C LEU B 231 4.77 -15.24 6.41
N ILE B 232 4.91 -16.14 5.43
CA ILE B 232 6.20 -16.73 5.06
C ILE B 232 7.21 -15.64 4.64
N LYS B 233 6.74 -14.61 3.94
CA LYS B 233 7.60 -13.50 3.52
C LYS B 233 7.71 -12.46 4.63
N ALA B 234 6.66 -12.35 5.43
CA ALA B 234 6.68 -11.48 6.59
C ALA B 234 7.75 -11.92 7.57
N LYS B 235 8.09 -13.20 7.53
CA LYS B 235 9.10 -13.76 8.44
C LYS B 235 10.55 -13.35 8.08
N SER B 236 10.85 -13.24 6.79
CA SER B 236 12.18 -12.82 6.37
C SER B 236 12.43 -11.35 6.66
N VAL B 237 11.49 -10.67 7.31
CA VAL B 237 11.65 -9.25 7.61
C VAL B 237 11.75 -9.07 9.13
N ALA B 238 12.75 -8.32 9.57
CA ALA B 238 13.06 -8.22 10.99
C ALA B 238 11.89 -7.68 11.82
N SER B 239 11.30 -6.57 11.37
CA SER B 239 10.26 -5.90 12.18
C SER B 239 8.97 -6.70 12.32
N THR B 240 8.68 -7.55 11.34
CA THR B 240 7.43 -8.29 11.37
C THR B 240 7.62 -9.81 11.52
N GLU B 241 8.85 -10.26 11.75
CA GLU B 241 9.08 -11.71 11.85
C GLU B 241 8.40 -12.31 13.09
N LYS B 242 8.54 -11.67 14.24
CA LYS B 242 7.90 -12.13 15.45
C LYS B 242 6.39 -12.29 15.26
N ILE B 243 5.78 -11.22 14.76
CA ILE B 243 4.35 -11.16 14.51
C ILE B 243 3.93 -12.24 13.51
N ALA B 244 4.76 -12.49 12.50
CA ALA B 244 4.45 -13.50 11.46
C ALA B 244 4.50 -14.93 12.00
N LEU B 245 5.49 -15.22 12.85
CA LEU B 245 5.53 -16.49 13.60
C LEU B 245 4.29 -16.64 14.47
N ARG B 246 3.95 -15.54 15.13
CA ARG B 246 2.89 -15.54 16.11
C ARG B 246 1.50 -15.78 15.51
N ILE B 247 1.26 -15.24 14.33
CA ILE B 247 0.01 -15.48 13.60
C ILE B 247 0.03 -16.88 12.95
N GLN B 248 1.20 -17.28 12.46
CA GLN B 248 1.44 -18.66 12.03
C GLN B 248 0.99 -19.67 13.08
N ALA B 249 1.37 -19.43 14.33
CA ALA B 249 1.03 -20.32 15.42
C ALA B 249 -0.47 -20.42 15.61
N GLU B 250 -1.13 -19.28 15.57
CA GLU B 250 -2.57 -19.26 15.78
C GLU B 250 -3.27 -19.88 14.58
N GLN B 251 -2.68 -19.74 13.40
CA GLN B 251 -3.30 -20.30 12.20
C GLN B 251 -3.21 -21.82 12.21
N THR B 252 -2.10 -22.34 12.72
CA THR B 252 -1.93 -23.78 12.91
C THR B 252 -2.95 -24.34 13.91
N ALA B 253 -3.01 -23.73 15.09
CA ALA B 253 -3.96 -24.18 16.10
C ALA B 253 -5.39 -24.10 15.57
N SER B 254 -5.66 -23.13 14.71
CA SER B 254 -7.00 -22.95 14.19
C SER B 254 -7.36 -24.09 13.26
N TRP B 255 -6.38 -24.51 12.47
CA TRP B 255 -6.58 -25.67 11.62
C TRP B 255 -6.68 -26.97 12.41
N LEU B 256 -5.83 -27.12 13.42
CA LEU B 256 -5.83 -28.30 14.26
C LEU B 256 -7.16 -28.51 14.97
N LYS B 257 -7.74 -27.45 15.52
CA LYS B 257 -8.98 -27.62 16.24
C LYS B 257 -10.19 -27.78 15.32
N ALA B 258 -10.08 -27.34 14.06
CA ALA B 258 -11.09 -27.68 13.06
C ALA B 258 -10.87 -29.12 12.58
N GLU B 259 -9.89 -29.76 13.22
CA GLU B 259 -9.34 -31.06 12.84
C GLU B 259 -8.59 -30.92 11.51
N LYS B 260 -9.24 -30.81 10.36
CA LYS B 260 -8.50 -30.41 9.14
C LYS B 260 -7.30 -31.33 8.81
N THR B 261 -7.53 -32.31 7.96
CA THR B 261 -6.54 -33.33 7.68
C THR B 261 -5.40 -32.74 6.88
N PRO B 262 -4.19 -33.32 7.02
CA PRO B 262 -3.04 -32.87 6.24
C PRO B 262 -3.29 -32.95 4.75
N ASP B 263 -4.22 -33.81 4.33
CA ASP B 263 -4.47 -33.92 2.91
C ASP B 263 -5.39 -32.81 2.40
N ASP B 264 -6.37 -32.41 3.22
CA ASP B 264 -7.18 -31.24 2.92
C ASP B 264 -6.31 -30.01 2.83
N LEU B 265 -5.35 -29.90 3.74
CA LEU B 265 -4.48 -28.73 3.82
C LEU B 265 -3.56 -28.64 2.60
N PHE B 266 -3.11 -29.79 2.13
CA PHE B 266 -2.21 -29.83 0.98
C PHE B 266 -2.81 -29.06 -0.19
N THR B 267 -4.10 -29.30 -0.44
CA THR B 267 -4.79 -28.71 -1.57
C THR B 267 -5.37 -27.33 -1.20
N LEU B 268 -5.59 -27.10 0.09
CA LEU B 268 -5.95 -25.76 0.56
C LEU B 268 -4.81 -24.78 0.23
N LEU B 269 -3.57 -25.23 0.44
CA LEU B 269 -2.41 -24.42 0.17
C LEU B 269 -1.86 -24.57 -1.26
N ARG B 270 -2.63 -25.17 -2.17
CA ARG B 270 -2.26 -25.19 -3.60
C ARG B 270 -1.02 -26.05 -3.91
N LEU B 271 -0.59 -26.90 -2.96
CA LEU B 271 0.68 -27.60 -3.11
C LEU B 271 0.64 -28.72 -4.16
N ASN B 272 -0.54 -28.99 -4.71
CA ASN B 272 -0.72 -30.04 -5.72
C ASN B 272 -0.51 -29.54 -7.16
N ARG B 273 -0.23 -28.24 -7.29
CA ARG B 273 0.22 -27.60 -8.53
C ARG B 273 1.73 -27.79 -8.74
N ALA B 274 2.24 -27.53 -9.94
CA ALA B 274 3.69 -27.65 -10.16
C ALA B 274 4.23 -26.76 -11.28
N GLU B 275 3.38 -25.82 -11.71
CA GLU B 275 3.71 -24.92 -12.83
C GLU B 275 4.93 -24.05 -12.58
N ASP B 276 5.03 -23.56 -11.34
CA ASP B 276 5.96 -22.51 -10.99
C ASP B 276 6.92 -22.98 -9.91
N SER B 277 6.87 -24.28 -9.66
CA SER B 277 7.53 -24.86 -8.49
C SER B 277 8.41 -26.05 -8.82
N PRO B 278 9.60 -26.08 -8.20
CA PRO B 278 10.15 -27.38 -7.81
C PRO B 278 9.66 -27.75 -6.37
N LEU B 279 8.56 -27.10 -5.94
CA LEU B 279 7.80 -27.49 -4.74
C LEU B 279 8.62 -27.60 -3.45
N LEU B 280 9.75 -28.29 -3.50
CA LEU B 280 10.62 -28.41 -2.33
C LEU B 280 11.32 -27.10 -2.06
N GLU B 281 11.21 -26.16 -3.00
CA GLU B 281 11.75 -24.82 -2.82
C GLU B 281 10.78 -23.93 -2.04
N ASN B 282 9.53 -24.38 -1.96
CA ASN B 282 8.45 -23.68 -1.30
C ASN B 282 8.49 -23.82 0.24
N PRO B 283 8.51 -22.68 0.97
CA PRO B 283 8.47 -22.75 2.43
C PRO B 283 7.07 -23.10 2.89
N ILE B 284 6.10 -22.96 1.99
CA ILE B 284 4.75 -23.44 2.25
C ILE B 284 4.78 -24.97 2.40
N PHE B 285 5.60 -25.62 1.58
CA PHE B 285 5.72 -27.07 1.65
C PHE B 285 6.40 -27.54 2.91
N ASP B 286 7.39 -26.79 3.39
CA ASP B 286 8.04 -27.09 4.66
C ASP B 286 7.12 -26.70 5.81
N ALA B 287 6.17 -25.81 5.54
CA ALA B 287 5.17 -25.38 6.53
C ALA B 287 4.15 -26.50 6.74
N TRP B 288 3.55 -26.92 5.62
CA TRP B 288 2.94 -28.24 5.52
C TRP B 288 4.05 -29.21 5.90
N VAL B 289 3.75 -30.47 6.06
CA VAL B 289 4.74 -31.42 6.62
C VAL B 289 4.91 -31.10 8.10
N LYS B 290 5.25 -29.86 8.46
CA LYS B 290 5.35 -29.57 9.87
C LYS B 290 3.96 -29.62 10.49
N TYR B 291 2.97 -29.13 9.75
CA TYR B 291 1.60 -29.27 10.20
C TYR B 291 1.25 -30.75 10.33
N ALA B 292 1.71 -31.56 9.39
CA ALA B 292 1.43 -33.00 9.38
C ALA B 292 2.15 -33.72 10.51
N ASP B 293 3.39 -33.34 10.78
CA ASP B 293 4.11 -33.87 11.95
C ASP B 293 3.28 -33.52 13.15
N ASP B 294 2.92 -32.25 13.21
CA ASP B 294 1.99 -31.72 14.19
C ASP B 294 0.56 -32.19 13.99
N PHE B 295 0.30 -33.19 13.14
CA PHE B 295 -1.05 -33.76 13.04
C PHE B 295 -1.05 -35.23 13.48
N ARG B 296 0.14 -35.82 13.64
CA ARG B 296 0.24 -37.12 14.31
C ARG B 296 0.05 -36.95 15.83
N GLU B 297 0.88 -36.12 16.47
CA GLU B 297 0.39 -34.97 17.23
C GLU B 297 -0.62 -35.11 18.44
N MSE B 298 -1.85 -35.50 18.17
CA MSE B 298 -3.01 -35.08 19.00
C MSE B 298 -4.00 -36.11 18.59
O MSE B 298 -4.87 -36.50 19.37
CB MSE B 298 -3.54 -33.70 18.65
CG MSE B 298 -3.40 -32.63 19.57
SE MSE B 298 -4.09 -31.02 18.65
CE MSE B 298 -5.94 -31.52 18.34
N TYR B 299 -3.89 -36.51 17.33
CA TYR B 299 -4.71 -37.54 16.72
C TYR B 299 -3.83 -38.69 16.22
N PRO B 300 -3.13 -39.37 17.15
CA PRO B 300 -2.13 -40.37 16.76
C PRO B 300 -2.73 -41.52 15.97
N LYS B 301 -3.99 -41.80 16.26
CA LYS B 301 -4.67 -42.96 15.71
C LYS B 301 -5.04 -42.80 14.22
N VAL B 302 -5.87 -41.80 13.94
CA VAL B 302 -6.32 -41.55 12.58
C VAL B 302 -5.31 -40.66 11.84
N SER B 303 -4.14 -41.22 11.54
CA SER B 303 -3.17 -40.43 10.79
C SER B 303 -2.34 -41.27 9.85
N PHE B 304 -1.71 -40.57 8.93
CA PHE B 304 -0.78 -41.14 7.98
C PHE B 304 0.44 -40.25 8.04
N ASP B 305 1.44 -40.51 7.23
CA ASP B 305 2.49 -39.52 7.18
C ASP B 305 2.58 -39.08 5.71
N PRO B 306 3.46 -38.12 5.37
CA PRO B 306 2.97 -37.32 4.25
C PRO B 306 3.25 -37.92 2.92
N ILE B 307 4.14 -38.90 2.88
CA ILE B 307 4.56 -39.48 1.63
C ILE B 307 3.31 -40.07 0.98
N ALA B 308 2.38 -40.48 1.84
CA ALA B 308 1.06 -40.92 1.45
C ALA B 308 0.33 -39.82 0.68
N THR B 309 0.26 -38.64 1.29
CA THR B 309 -0.40 -37.49 0.69
C THR B 309 0.27 -37.05 -0.60
N ILE B 310 1.59 -36.86 -0.54
CA ILE B 310 2.35 -36.45 -1.70
C ILE B 310 2.10 -37.36 -2.89
N SER B 311 2.14 -38.66 -2.63
CA SER B 311 2.04 -39.65 -3.68
C SER B 311 0.68 -39.65 -4.37
N GLU B 312 -0.29 -38.94 -3.81
CA GLU B 312 -1.60 -38.83 -4.45
C GLU B 312 -1.55 -37.85 -5.59
N HIS B 313 -0.49 -37.06 -5.68
CA HIS B 313 -0.39 -35.99 -6.69
C HIS B 313 0.86 -36.10 -7.56
N TYR B 314 1.87 -36.81 -7.07
CA TYR B 314 3.12 -37.01 -7.81
C TYR B 314 3.50 -38.51 -7.83
N THR B 315 4.21 -38.94 -8.85
CA THR B 315 4.69 -40.34 -8.89
C THR B 315 6.01 -40.50 -8.18
N ALA B 316 6.35 -41.78 -8.01
CA ALA B 316 7.60 -42.21 -7.39
C ALA B 316 8.76 -41.54 -8.04
N ALA B 317 8.79 -41.54 -9.38
CA ALA B 317 9.96 -41.03 -10.09
C ALA B 317 9.97 -39.50 -10.06
N GLN B 318 8.78 -38.93 -10.13
CA GLN B 318 8.62 -37.49 -9.93
C GLN B 318 9.11 -37.06 -8.58
N VAL B 319 8.66 -37.73 -7.53
CA VAL B 319 9.05 -37.40 -6.16
C VAL B 319 10.55 -37.56 -5.92
N ALA B 320 11.13 -38.62 -6.50
CA ALA B 320 12.54 -38.91 -6.31
C ALA B 320 13.44 -37.84 -6.94
N THR B 321 12.94 -37.18 -7.99
CA THR B 321 13.70 -36.16 -8.71
C THR B 321 13.71 -34.83 -7.97
N MSE B 322 12.52 -34.43 -7.52
CA MSE B 322 12.34 -33.25 -6.68
C MSE B 322 13.34 -33.32 -5.54
O MSE B 322 13.93 -32.30 -5.15
CB MSE B 322 10.89 -33.18 -6.21
CG MSE B 322 9.88 -33.07 -7.37
SE MSE B 322 8.03 -33.24 -6.89
CE MSE B 322 8.32 -32.96 -5.02
N ILE B 323 13.57 -34.53 -5.03
CA ILE B 323 14.48 -34.77 -3.90
C ILE B 323 15.92 -34.71 -4.34
N VAL B 324 16.27 -35.46 -5.39
CA VAL B 324 17.63 -35.40 -5.97
C VAL B 324 18.07 -33.95 -6.19
N GLU B 325 17.11 -33.13 -6.63
CA GLU B 325 17.36 -31.70 -6.85
C GLU B 325 17.58 -30.87 -5.57
N ALA B 326 16.57 -30.83 -4.71
CA ALA B 326 16.60 -29.95 -3.55
C ALA B 326 17.80 -30.20 -2.61
N SER B 327 18.40 -31.38 -2.70
CA SER B 327 19.49 -31.73 -1.78
C SER B 327 20.84 -31.14 -2.16
N LYS B 328 20.86 -30.23 -3.13
CA LYS B 328 22.11 -29.63 -3.56
C LYS B 328 22.25 -28.17 -3.12
N SER B 329 21.49 -27.78 -2.10
CA SER B 329 21.62 -26.45 -1.52
C SER B 329 21.13 -26.50 -0.09
N PRO B 330 21.87 -25.86 0.83
CA PRO B 330 21.56 -25.88 2.27
C PRO B 330 20.13 -25.46 2.56
N SER B 331 19.64 -24.51 1.76
CA SER B 331 18.28 -24.02 1.88
C SER B 331 17.24 -25.15 1.89
N THR B 332 17.43 -26.15 1.04
CA THR B 332 16.46 -27.24 0.94
C THR B 332 17.01 -28.65 1.26
N SER B 333 18.31 -28.80 1.45
CA SER B 333 18.89 -30.10 1.76
C SER B 333 18.29 -30.72 3.02
N SER B 334 17.69 -29.89 3.86
CA SER B 334 17.07 -30.41 5.06
C SER B 334 15.68 -30.98 4.80
N ILE B 335 14.87 -30.35 3.97
CA ILE B 335 13.56 -30.91 3.65
C ILE B 335 13.73 -32.08 2.68
N ALA B 336 14.80 -32.04 1.89
CA ALA B 336 15.05 -33.09 0.92
C ALA B 336 15.44 -34.36 1.65
N HIS B 337 16.37 -34.25 2.60
CA HIS B 337 16.68 -35.40 3.41
C HIS B 337 15.69 -35.39 4.51
N ARG B 338 14.56 -36.02 4.26
CA ARG B 338 13.45 -36.08 5.21
C ARG B 338 12.41 -36.70 4.38
N LEU B 339 12.21 -36.06 3.23
CA LEU B 339 11.36 -36.58 2.21
C LEU B 339 12.01 -37.85 1.65
N ASN B 340 13.34 -37.80 1.51
CA ASN B 340 14.08 -38.99 1.12
C ASN B 340 13.89 -40.09 2.14
N THR B 341 13.93 -39.72 3.42
CA THR B 341 13.70 -40.69 4.49
C THR B 341 12.30 -41.28 4.36
N GLU B 342 11.32 -40.41 4.12
CA GLU B 342 9.94 -40.84 3.94
C GLU B 342 9.77 -41.82 2.80
N GLN B 343 10.38 -41.50 1.65
CA GLN B 343 10.26 -42.38 0.51
C GLN B 343 10.96 -43.72 0.78
N PHE B 344 12.18 -43.69 1.31
CA PHE B 344 12.87 -44.95 1.57
C PHE B 344 12.07 -45.78 2.57
N ARG B 345 11.52 -45.09 3.58
CA ARG B 345 10.82 -45.79 4.63
C ARG B 345 9.57 -46.43 4.04
N ASP B 346 8.91 -45.73 3.14
CA ASP B 346 7.70 -46.29 2.59
C ASP B 346 7.98 -47.50 1.70
N TRP B 347 9.08 -47.47 0.96
CA TRP B 347 9.47 -48.59 0.11
C TRP B 347 9.82 -49.81 0.97
N LEU B 348 10.62 -49.59 2.00
CA LEU B 348 11.05 -50.70 2.85
C LEU B 348 9.90 -51.28 3.71
N ASN B 349 9.01 -50.41 4.22
CA ASN B 349 7.84 -50.85 5.01
C ASN B 349 6.97 -51.81 4.23
N THR B 350 6.79 -51.49 2.95
CA THR B 350 5.95 -52.26 2.06
C THR B 350 6.76 -53.30 1.26
N ARG B 351 7.96 -53.62 1.76
CA ARG B 351 8.82 -54.69 1.22
C ARG B 351 9.05 -54.61 -0.27
N GLN B 352 9.44 -53.43 -0.73
CA GLN B 352 9.97 -53.22 -2.07
C GLN B 352 11.43 -53.66 -2.12
N SER B 353 11.70 -54.73 -2.83
CA SER B 353 13.08 -55.03 -3.17
C SER B 353 13.65 -53.94 -4.10
N PRO B 354 14.99 -53.82 -4.13
CA PRO B 354 15.76 -53.07 -5.13
C PRO B 354 15.26 -53.28 -6.54
N VAL B 355 14.88 -54.52 -6.89
CA VAL B 355 14.34 -54.85 -8.22
C VAL B 355 12.97 -54.20 -8.45
N ARG B 356 12.12 -54.28 -7.43
CA ARG B 356 10.78 -53.70 -7.47
C ARG B 356 10.81 -52.16 -7.59
N VAL B 357 11.76 -51.53 -6.91
CA VAL B 357 11.89 -50.07 -6.90
C VAL B 357 12.40 -49.58 -8.22
N PHE B 358 13.31 -50.36 -8.79
CA PHE B 358 13.79 -50.21 -10.17
C PHE B 358 12.63 -49.92 -11.13
N LYS B 359 11.58 -50.75 -11.08
CA LYS B 359 10.44 -50.48 -11.96
C LYS B 359 9.65 -49.26 -11.49
N LEU B 360 9.46 -49.07 -10.18
CA LEU B 360 8.67 -47.93 -9.68
C LEU B 360 9.25 -46.60 -10.18
N LEU B 361 10.56 -46.56 -10.37
CA LEU B 361 11.25 -45.37 -10.85
C LEU B 361 11.34 -45.33 -12.38
N LYS B 362 10.86 -46.42 -12.99
CA LYS B 362 10.83 -46.61 -14.46
C LYS B 362 12.21 -46.66 -15.08
N LEU B 363 13.20 -47.13 -14.31
CA LEU B 363 14.56 -47.23 -14.80
C LEU B 363 14.77 -48.38 -15.78
N ASP B 364 13.78 -49.26 -15.87
CA ASP B 364 13.78 -50.31 -16.90
C ASP B 364 13.39 -49.75 -18.30
N GLU B 365 12.59 -48.68 -18.28
CA GLU B 365 12.15 -47.97 -19.48
C GLU B 365 13.20 -46.97 -19.99
N ALA B 366 14.34 -46.93 -19.30
CA ALA B 366 15.47 -46.14 -19.75
C ALA B 366 16.44 -47.00 -20.56
N GLY B 367 16.28 -48.32 -20.46
CA GLY B 367 17.15 -49.25 -21.16
C GLY B 367 18.62 -49.11 -20.76
N ASP B 368 19.44 -48.86 -21.78
CA ASP B 368 20.90 -48.75 -21.65
C ASP B 368 21.26 -47.36 -21.17
N LYS B 369 20.26 -46.48 -21.14
CA LYS B 369 20.44 -45.08 -20.77
C LYS B 369 20.14 -44.84 -19.28
N LEU B 370 20.06 -45.93 -18.50
CA LEU B 370 19.61 -45.85 -17.10
C LEU B 370 20.50 -44.95 -16.22
N PHE B 371 21.81 -44.86 -16.51
CA PHE B 371 22.71 -43.98 -15.73
C PHE B 371 22.64 -42.52 -16.14
N GLN B 372 21.64 -42.20 -16.95
CA GLN B 372 21.42 -40.83 -17.39
C GLN B 372 20.13 -40.32 -16.82
N SER B 373 19.41 -41.20 -16.13
CA SER B 373 18.20 -40.82 -15.42
C SER B 373 18.57 -40.03 -14.16
N PRO B 374 17.81 -38.96 -13.84
CA PRO B 374 18.02 -38.13 -12.63
C PRO B 374 17.85 -38.92 -11.34
N VAL B 375 17.11 -40.02 -11.42
CA VAL B 375 16.81 -40.83 -10.28
C VAL B 375 17.68 -42.10 -10.22
N ILE B 376 18.79 -42.13 -10.97
CA ILE B 376 19.64 -43.33 -10.91
C ILE B 376 20.34 -43.41 -9.54
N THR B 377 20.67 -42.24 -8.98
CA THR B 377 21.37 -42.19 -7.71
C THR B 377 20.39 -42.52 -6.57
N THR B 378 19.13 -42.18 -6.78
CA THR B 378 18.07 -42.56 -5.87
C THR B 378 18.01 -44.06 -5.79
N TRP B 379 18.11 -44.72 -6.94
CA TRP B 379 17.91 -46.16 -6.94
C TRP B 379 19.12 -46.84 -6.31
N LEU B 380 20.32 -46.31 -6.60
CA LEU B 380 21.53 -46.97 -6.12
C LEU B 380 21.58 -46.80 -4.63
N ASN B 381 21.20 -45.62 -4.16
CA ASN B 381 21.08 -45.38 -2.72
C ASN B 381 20.08 -46.31 -2.07
N TYR B 382 18.91 -46.49 -2.68
CA TYR B 382 17.93 -47.35 -2.04
C TYR B 382 18.49 -48.80 -1.96
N ALA B 383 19.18 -49.23 -3.00
CA ALA B 383 19.75 -50.57 -3.03
C ALA B 383 20.79 -50.75 -1.93
N THR B 384 21.66 -49.75 -1.74
CA THR B 384 22.63 -49.78 -0.65
C THR B 384 21.93 -49.79 0.72
N PHE B 385 20.85 -49.01 0.81
CA PHE B 385 20.01 -48.95 1.99
C PHE B 385 19.36 -50.31 2.30
N TYR B 386 18.75 -50.92 1.28
CA TYR B 386 18.09 -52.23 1.41
C TYR B 386 19.04 -53.31 1.95
N SER B 387 20.26 -53.36 1.40
CA SER B 387 21.21 -54.42 1.77
C SER B 387 21.68 -54.29 3.20
N THR B 388 21.91 -53.06 3.66
CA THR B 388 22.30 -52.83 5.05
C THR B 388 21.19 -53.21 6.03
N LYS B 389 19.93 -52.88 5.68
CA LYS B 389 18.78 -53.07 6.58
C LYS B 389 18.11 -54.45 6.49
N ARG B 390 17.79 -54.91 5.29
CA ARG B 390 16.96 -56.10 5.18
C ARG B 390 17.72 -57.33 4.71
N GLU B 391 18.33 -57.25 3.53
CA GLU B 391 19.04 -58.40 2.98
C GLU B 391 19.99 -57.95 1.87
N LYS B 392 21.24 -58.40 1.90
CA LYS B 392 22.20 -58.07 0.84
C LYS B 392 21.72 -58.43 -0.59
N VAL B 393 21.63 -57.42 -1.45
CA VAL B 393 21.29 -57.54 -2.87
C VAL B 393 22.39 -56.88 -3.69
N SER B 394 23.06 -57.64 -4.56
CA SER B 394 24.14 -57.07 -5.36
C SER B 394 23.56 -56.31 -6.56
N ILE B 395 23.92 -55.04 -6.69
CA ILE B 395 23.47 -54.24 -7.82
C ILE B 395 24.22 -54.73 -9.03
N THR B 396 25.51 -54.98 -8.82
CA THR B 396 26.39 -55.58 -9.81
C THR B 396 25.80 -56.82 -10.44
N THR B 397 25.31 -57.74 -9.61
CA THR B 397 24.73 -58.98 -10.11
C THR B 397 23.53 -58.68 -11.01
N LEU B 398 22.69 -57.76 -10.55
CA LEU B 398 21.45 -57.36 -11.27
C LEU B 398 21.75 -56.74 -12.64
N LEU B 399 22.60 -55.72 -12.62
CA LEU B 399 23.01 -55.05 -13.84
C LEU B 399 23.73 -56.03 -14.76
N ARG B 400 24.41 -57.01 -14.19
CA ARG B 400 25.14 -57.95 -15.01
C ARG B 400 24.16 -58.87 -15.78
N LYS B 401 23.11 -59.33 -15.10
CA LYS B 401 22.14 -60.23 -15.72
C LYS B 401 21.27 -59.47 -16.71
N ARG B 402 21.24 -58.16 -16.59
CA ARG B 402 20.36 -57.35 -17.43
C ARG B 402 20.99 -56.91 -18.75
N PHE B 403 22.27 -56.60 -18.73
CA PHE B 403 22.97 -56.02 -19.86
C PHE B 403 24.05 -56.94 -20.41
N GLY B 404 24.72 -57.66 -19.52
CA GLY B 404 25.81 -58.54 -19.90
C GLY B 404 27.14 -57.85 -19.66
N ASP B 405 28.23 -58.58 -19.67
CA ASP B 405 29.51 -57.96 -19.43
C ASP B 405 29.89 -56.83 -20.42
N GLU B 406 29.66 -57.02 -21.72
CA GLU B 406 30.11 -55.98 -22.64
C GLU B 406 29.28 -54.71 -22.56
N VAL B 407 27.96 -54.84 -22.58
CA VAL B 407 27.10 -53.67 -22.55
C VAL B 407 27.25 -52.90 -21.21
N LEU B 408 27.28 -53.62 -20.08
CA LEU B 408 27.46 -53.02 -18.75
C LEU B 408 28.81 -52.27 -18.58
N ALA B 409 29.92 -52.90 -18.97
CA ALA B 409 31.23 -52.23 -18.97
C ALA B 409 31.18 -50.91 -19.78
N GLY B 410 30.50 -50.94 -20.94
CA GLY B 410 30.31 -49.74 -21.75
C GLY B 410 29.50 -48.66 -21.06
N ILE B 411 28.32 -49.05 -20.60
CA ILE B 411 27.45 -48.22 -19.77
C ILE B 411 28.19 -47.45 -18.64
N LEU B 412 28.90 -48.20 -17.81
CA LEU B 412 29.66 -47.68 -16.68
C LEU B 412 30.86 -46.82 -17.11
N THR B 413 31.61 -47.24 -18.13
CA THR B 413 32.65 -46.39 -18.71
C THR B 413 32.12 -45.00 -19.13
N ASP B 414 30.95 -44.97 -19.75
CA ASP B 414 30.23 -43.71 -20.03
C ASP B 414 29.88 -42.93 -18.77
N ALA B 415 29.49 -43.64 -17.74
CA ALA B 415 29.00 -42.96 -16.56
C ALA B 415 30.16 -42.37 -15.76
N GLN B 416 31.37 -42.84 -16.01
CA GLN B 416 32.54 -42.34 -15.31
C GLN B 416 32.85 -40.90 -15.71
N GLN B 417 32.51 -40.53 -16.94
CA GLN B 417 32.87 -39.21 -17.47
C GLN B 417 31.91 -38.12 -16.97
N VAL B 418 30.68 -38.51 -16.66
CA VAL B 418 29.69 -37.62 -16.05
C VAL B 418 29.95 -37.52 -14.55
N PRO B 419 30.43 -36.35 -14.07
CA PRO B 419 30.82 -36.09 -12.67
C PRO B 419 29.80 -36.52 -11.59
N ALA B 420 28.51 -36.33 -11.81
CA ALA B 420 27.51 -36.70 -10.79
C ALA B 420 27.33 -38.20 -10.65
N THR B 421 27.89 -38.96 -11.58
CA THR B 421 27.84 -40.41 -11.46
C THR B 421 29.25 -41.05 -11.44
N LYS B 422 30.28 -40.22 -11.52
CA LYS B 422 31.65 -40.69 -11.64
C LYS B 422 32.06 -41.69 -10.56
N GLU B 423 31.60 -41.49 -9.33
CA GLU B 423 32.09 -42.34 -8.26
C GLU B 423 31.25 -43.62 -8.12
N GLU B 424 29.94 -43.55 -8.30
CA GLU B 424 29.17 -44.80 -8.25
C GLU B 424 29.37 -45.62 -9.53
N ALA B 425 29.72 -44.94 -10.63
CA ALA B 425 30.02 -45.64 -11.87
C ALA B 425 31.29 -46.44 -11.66
N THR B 426 32.32 -45.76 -11.15
CA THR B 426 33.56 -46.44 -10.86
C THR B 426 33.33 -47.58 -9.88
N LYS B 427 32.62 -47.31 -8.78
CA LYS B 427 32.47 -48.35 -7.75
C LYS B 427 31.78 -49.61 -8.30
N LEU B 428 30.77 -49.44 -9.13
CA LEU B 428 30.15 -50.57 -9.83
C LEU B 428 31.12 -51.25 -10.82
N LEU B 429 31.86 -50.47 -11.59
CA LEU B 429 32.75 -51.05 -12.59
C LEU B 429 33.90 -51.84 -11.94
N THR B 430 34.39 -51.37 -10.79
CA THR B 430 35.39 -52.12 -10.03
C THR B 430 34.82 -53.44 -9.55
N SER B 431 33.58 -53.41 -9.09
CA SER B 431 32.85 -54.62 -8.72
C SER B 431 32.64 -55.55 -9.94
N LEU B 432 32.21 -54.98 -11.07
CA LEU B 432 31.99 -55.77 -12.29
C LEU B 432 33.25 -56.53 -12.69
N VAL B 433 34.28 -55.74 -12.97
CA VAL B 433 35.56 -56.21 -13.48
C VAL B 433 36.19 -57.26 -12.54
N GLY B 434 35.99 -57.10 -11.23
CA GLY B 434 36.54 -58.05 -10.27
C GLY B 434 36.04 -59.49 -10.37
N ARG B 435 34.83 -59.68 -10.89
CA ARG B 435 34.24 -61.01 -11.10
C ARG B 435 34.74 -61.70 -12.39
N TRP B 436 35.48 -60.94 -13.19
CA TRP B 436 35.87 -61.37 -14.54
C TRP B 436 36.94 -62.48 -14.55
N PRO B 437 37.98 -62.42 -13.67
CA PRO B 437 38.90 -63.55 -13.62
C PRO B 437 38.20 -64.90 -13.52
N LYS B 438 37.28 -65.02 -12.58
CA LYS B 438 36.60 -66.29 -12.37
C LYS B 438 35.69 -66.67 -13.53
N SER B 439 35.20 -65.68 -14.28
CA SER B 439 34.32 -65.96 -15.43
C SER B 439 35.11 -66.20 -16.71
N ARG B 440 36.42 -66.37 -16.57
CA ARG B 440 37.24 -66.84 -17.69
C ARG B 440 37.32 -65.85 -18.85
N VAL B 441 37.17 -64.55 -18.55
CA VAL B 441 37.13 -63.54 -19.60
C VAL B 441 38.51 -63.36 -20.24
N HIS B 442 38.57 -63.51 -21.56
CA HIS B 442 39.81 -63.35 -22.33
C HIS B 442 40.28 -61.89 -22.30
N PRO B 443 41.58 -61.64 -22.05
CA PRO B 443 42.13 -60.28 -21.96
C PRO B 443 41.83 -59.35 -23.15
N ASP B 444 41.54 -59.86 -24.36
CA ASP B 444 41.06 -59.03 -25.48
C ASP B 444 39.73 -58.41 -25.14
N ASN B 445 38.80 -59.25 -24.69
CA ASN B 445 37.53 -58.79 -24.20
C ASN B 445 37.69 -57.84 -23.01
N VAL B 446 38.59 -58.13 -22.07
CA VAL B 446 38.84 -57.17 -20.96
C VAL B 446 39.30 -55.84 -21.55
N TYR B 447 40.10 -55.91 -22.62
CA TYR B 447 40.62 -54.72 -23.27
C TYR B 447 39.52 -53.92 -24.02
N LYS B 448 38.76 -54.60 -24.87
CA LYS B 448 37.82 -53.91 -25.74
C LYS B 448 36.61 -53.42 -24.93
N TRP B 449 36.14 -54.24 -23.98
CA TRP B 449 34.95 -53.96 -23.17
C TRP B 449 35.09 -52.81 -22.18
N LEU B 450 36.28 -52.62 -21.63
CA LEU B 450 36.57 -51.51 -20.73
C LEU B 450 37.04 -50.27 -21.48
N ARG B 451 37.24 -50.42 -22.79
CA ARG B 451 37.73 -49.34 -23.65
C ARG B 451 39.04 -48.77 -23.15
N VAL B 452 39.94 -49.68 -22.79
CA VAL B 452 41.23 -49.37 -22.18
C VAL B 452 42.03 -48.44 -23.08
N GLU B 453 42.00 -48.73 -24.37
CA GLU B 453 42.66 -47.94 -25.41
C GLU B 453 42.37 -46.43 -25.30
N GLY B 454 41.16 -46.08 -24.85
CA GLY B 454 40.77 -44.69 -24.72
C GLY B 454 41.04 -44.10 -23.35
N ARG B 455 41.60 -44.90 -22.44
CA ARG B 455 41.86 -44.45 -21.06
C ARG B 455 43.26 -43.84 -20.81
N GLU B 456 43.41 -43.07 -19.73
CA GLU B 456 44.70 -42.48 -19.36
C GLU B 456 45.76 -43.50 -18.96
N LYS B 457 47.02 -43.16 -19.23
CA LYS B 457 48.15 -44.03 -18.91
C LYS B 457 48.10 -44.53 -17.47
N THR B 458 47.50 -43.74 -16.58
CA THR B 458 47.47 -44.01 -15.16
C THR B 458 46.15 -44.65 -14.71
N ASP B 459 45.11 -44.54 -15.53
CA ASP B 459 43.78 -45.09 -15.25
C ASP B 459 43.82 -46.49 -14.59
N GLY B 460 43.18 -46.60 -13.42
CA GLY B 460 43.13 -47.84 -12.69
C GLY B 460 42.58 -49.03 -13.48
N PHE B 461 41.73 -48.76 -14.47
CA PHE B 461 41.13 -49.85 -15.20
C PHE B 461 42.05 -50.32 -16.29
N ARG B 462 42.85 -49.40 -16.83
CA ARG B 462 43.90 -49.78 -17.76
C ARG B 462 44.98 -50.64 -17.03
N LEU B 463 45.46 -50.19 -15.87
CA LEU B 463 46.42 -50.94 -15.06
C LEU B 463 45.85 -52.29 -14.58
N PHE B 464 44.55 -52.35 -14.30
CA PHE B 464 43.92 -53.65 -14.10
C PHE B 464 44.09 -54.51 -15.36
N TYR B 465 43.76 -53.95 -16.55
CA TYR B 465 43.90 -54.71 -17.80
C TYR B 465 45.32 -55.31 -17.95
N GLU B 466 46.34 -54.48 -17.69
CA GLU B 466 47.73 -54.92 -17.82
C GLU B 466 48.05 -56.10 -16.91
N ARG B 467 47.72 -55.99 -15.63
CA ARG B 467 48.01 -57.07 -14.69
C ARG B 467 47.18 -58.31 -15.01
N TYR B 468 45.95 -58.11 -15.45
CA TYR B 468 45.11 -59.23 -15.86
C TYR B 468 45.72 -59.92 -17.10
N ALA B 469 46.22 -59.13 -18.04
CA ALA B 469 46.83 -59.69 -19.25
C ALA B 469 48.10 -60.49 -18.89
N ALA B 470 48.96 -59.93 -18.03
CA ALA B 470 50.22 -60.58 -17.62
C ALA B 470 50.02 -61.90 -16.87
N ALA B 471 49.21 -61.86 -15.82
CA ALA B 471 48.82 -63.06 -15.08
C ALA B 471 48.26 -64.17 -15.98
N TYR B 472 47.49 -63.78 -16.99
CA TYR B 472 46.94 -64.69 -17.99
C TYR B 472 47.96 -64.91 -19.13
#